data_4L8D
#
_entry.id   4L8D
#
_cell.length_a   85.343
_cell.length_b   136.132
_cell.length_c   80.874
_cell.angle_alpha   90.00
_cell.angle_beta   90.00
_cell.angle_gamma   90.00
#
_symmetry.space_group_name_H-M   'P 21 21 2'
#
loop_
_entity.id
_entity.type
_entity.pdbx_description
1 polymer 'H-2 class I histocompatibility antigen, D-B alpha chain'
2 polymer Beta-2-microglobulin
3 polymer 'NP-N5D peptide'
4 non-polymer 'SULFATE ION'
5 water water
#
loop_
_entity_poly.entity_id
_entity_poly.type
_entity_poly.pdbx_seq_one_letter_code
_entity_poly.pdbx_strand_id
1 'polypeptide(L)'
;GPHSMRYFETAVSRPGLEEPRYISVGYVDNKEFVRFDSDAENPRYEPRAPWMEQEGPEYWERETQKAKGQEQWFRVSLRN
LLGYYNQSAGGSHTLQQMSGCDLGSDWRLLRGYLQFAYEGRDYIALNEDLKTWTAADMAAQITRRKWEQSGAAEHYKAYL
EGECVEWLHRYLKNGNATLLRTDSPKAHVTHHPRSKGEVTLRCWALGFYPADITLTWQLNGEELTQDMELVETRPAGDGT
FQKWASVVVPLGKEQNYTCRVYHEGLPEPLTLRWEPPPST
;
A,C
2 'polypeptide(L)'
;IQKTPQIQVYSRHPPENGKPNILNCYVTQFHPPHIEIQMLKNGKKIPKVEMSDMSFSKDWSFYILAHTEFTPTETDTYAC
RVKHDSMAEPKTVYWDRDM
;
B,D
3 'polypeptide(L)' ASNEDMETM E,F
#
loop_
_chem_comp.id
_chem_comp.type
_chem_comp.name
_chem_comp.formula
SO4 non-polymer 'SULFATE ION' 'O4 S -2'
#
# COMPACT_ATOMS: atom_id res chain seq x y z
N GLY A 1 27.05 7.72 21.99
CA GLY A 1 26.24 6.97 21.04
C GLY A 1 26.39 7.43 19.60
N PRO A 2 25.58 6.92 18.65
CA PRO A 2 25.71 7.37 17.25
C PRO A 2 25.12 8.77 17.04
N HIS A 3 25.51 9.42 15.95
CA HIS A 3 25.08 10.78 15.65
C HIS A 3 24.61 10.89 14.21
N SER A 4 23.80 11.92 13.92
CA SER A 4 23.30 12.14 12.57
C SER A 4 22.95 13.60 12.28
N MET A 5 22.99 13.93 11.01
CA MET A 5 22.47 15.18 10.51
C MET A 5 21.54 14.83 9.35
N ARG A 6 20.37 15.49 9.27
CA ARG A 6 19.49 15.34 8.10
C ARG A 6 18.89 16.67 7.72
N TYR A 7 18.63 16.86 6.41
CA TYR A 7 17.81 17.96 5.91
C TYR A 7 16.60 17.30 5.25
N PHE A 8 15.39 17.67 5.70
CA PHE A 8 14.15 17.15 5.20
C PHE A 8 13.52 18.28 4.43
N GLU A 9 13.45 18.10 3.11
CA GLU A 9 12.96 19.16 2.22
C GLU A 9 11.65 18.78 1.59
N THR A 10 10.74 19.76 1.50
CA THR A 10 9.43 19.57 0.87
C THR A 10 9.11 20.75 -0.06
N ALA A 11 8.56 20.43 -1.23
CA ALA A 11 8.02 21.43 -2.13
C ALA A 11 6.62 20.98 -2.50
N VAL A 12 5.66 21.87 -2.34
CA VAL A 12 4.25 21.59 -2.63
C VAL A 12 3.84 22.59 -3.71
N SER A 13 3.45 22.08 -4.90
CA SER A 13 3.01 22.97 -5.97
C SER A 13 1.68 23.58 -5.57
N ARG A 14 1.43 24.81 -6.01
N ARG A 14 1.43 24.79 -6.03
CA ARG A 14 0.20 25.52 -5.69
CA ARG A 14 0.23 25.55 -5.70
C ARG A 14 -0.52 25.89 -6.98
C ARG A 14 -0.52 25.89 -6.98
N PRO A 15 -1.72 25.31 -7.24
CA PRO A 15 -2.45 25.61 -8.49
C PRO A 15 -2.61 27.11 -8.74
N GLY A 16 -2.18 27.55 -9.91
CA GLY A 16 -2.27 28.95 -10.32
C GLY A 16 -1.01 29.78 -10.10
N LEU A 17 -0.08 29.29 -9.26
CA LEU A 17 1.17 29.97 -8.95
C LEU A 17 2.38 29.26 -9.54
N GLU A 18 3.39 30.04 -10.00
CA GLU A 18 4.61 29.49 -10.60
C GLU A 18 5.52 28.86 -9.56
N GLU A 19 5.60 29.49 -8.37
CA GLU A 19 6.44 29.03 -7.29
C GLU A 19 5.70 28.10 -6.31
N PRO A 20 6.30 26.95 -6.00
CA PRO A 20 5.70 26.07 -4.98
C PRO A 20 6.03 26.58 -3.56
N ARG A 21 5.37 26.02 -2.53
CA ARG A 21 5.80 26.33 -1.17
C ARG A 21 6.98 25.41 -0.92
N TYR A 22 8.12 25.97 -0.46
CA TYR A 22 9.32 25.20 -0.18
C TYR A 22 9.68 25.31 1.28
N ILE A 23 9.88 24.16 1.92
CA ILE A 23 10.23 24.07 3.33
C ILE A 23 11.44 23.17 3.46
N SER A 24 12.44 23.62 4.22
CA SER A 24 13.61 22.80 4.50
C SER A 24 13.78 22.76 6.00
N VAL A 25 13.89 21.56 6.56
CA VAL A 25 14.09 21.39 8.01
C VAL A 25 15.39 20.61 8.26
N GLY A 26 16.30 21.20 9.03
CA GLY A 26 17.53 20.55 9.45
C GLY A 26 17.38 19.91 10.83
N TYR A 27 18.01 18.73 11.01
CA TYR A 27 18.01 17.99 12.28
C TYR A 27 19.42 17.54 12.59
N VAL A 28 19.79 17.58 13.86
CA VAL A 28 21.05 17.06 14.38
C VAL A 28 20.58 16.13 15.49
N ASP A 29 20.96 14.83 15.41
CA ASP A 29 20.56 13.81 16.38
C ASP A 29 19.02 13.83 16.62
N ASN A 30 18.27 13.86 15.49
CA ASN A 30 16.81 13.85 15.41
C ASN A 30 16.11 15.04 16.05
N LYS A 31 16.85 16.10 16.29
CA LYS A 31 16.28 17.31 16.87
C LYS A 31 16.41 18.44 15.88
N GLU A 32 15.30 19.16 15.65
CA GLU A 32 15.28 20.30 14.72
C GLU A 32 16.26 21.40 15.16
N PHE A 33 17.13 21.87 14.23
CA PHE A 33 18.13 22.90 14.57
C PHE A 33 18.06 24.11 13.64
N VAL A 34 17.54 23.91 12.42
CA VAL A 34 17.31 25.01 11.45
C VAL A 34 16.03 24.79 10.70
N ARG A 35 15.48 25.90 10.15
CA ARG A 35 14.29 25.82 9.30
C ARG A 35 14.24 26.97 8.31
N PHE A 36 13.84 26.65 7.09
CA PHE A 36 13.57 27.61 6.03
C PHE A 36 12.14 27.35 5.55
N ASP A 37 11.35 28.41 5.37
CA ASP A 37 9.99 28.29 4.85
C ASP A 37 9.74 29.44 3.89
N SER A 38 9.45 29.11 2.60
CA SER A 38 9.21 30.12 1.54
C SER A 38 7.95 30.99 1.79
N ASP A 39 7.04 30.54 2.68
CA ASP A 39 5.81 31.24 3.03
C ASP A 39 6.00 32.34 4.08
N ALA A 40 7.23 32.48 4.64
CA ALA A 40 7.54 33.51 5.63
C ALA A 40 7.57 34.87 4.99
N GLU A 41 7.32 35.92 5.80
CA GLU A 41 7.35 37.35 5.45
C GLU A 41 8.63 37.69 4.62
N ASN A 42 9.82 37.39 5.16
CA ASN A 42 11.09 37.54 4.44
C ASN A 42 11.81 36.20 4.62
N PRO A 43 11.60 35.25 3.68
CA PRO A 43 12.17 33.90 3.85
C PRO A 43 13.68 33.86 4.11
N ARG A 44 14.04 33.14 5.17
CA ARG A 44 15.43 32.96 5.59
C ARG A 44 15.55 31.69 6.41
N TYR A 45 16.74 31.06 6.41
CA TYR A 45 16.96 29.97 7.34
C TYR A 45 17.04 30.63 8.73
N GLU A 46 16.41 30.00 9.71
CA GLU A 46 16.36 30.50 11.07
C GLU A 46 16.87 29.46 12.05
N PRO A 47 17.53 29.87 13.17
CA PRO A 47 17.93 28.87 14.19
C PRO A 47 16.72 28.30 14.93
N ARG A 48 16.74 26.97 15.16
CA ARG A 48 15.64 26.29 15.86
C ARG A 48 16.14 25.64 17.14
N ALA A 49 17.44 25.71 17.37
CA ALA A 49 18.08 25.20 18.57
C ALA A 49 18.89 26.39 19.14
N PRO A 50 18.92 26.54 20.49
CA PRO A 50 19.60 27.71 21.09
C PRO A 50 21.06 27.87 20.73
N TRP A 51 21.79 26.77 20.59
CA TRP A 51 23.20 26.72 20.27
C TRP A 51 23.55 27.16 18.84
N MET A 52 22.53 27.35 17.98
CA MET A 52 22.72 27.81 16.61
C MET A 52 22.76 29.34 16.56
N GLU A 53 22.33 30.01 17.66
CA GLU A 53 22.31 31.49 17.71
C GLU A 53 23.73 32.06 17.56
N GLN A 54 24.76 31.26 17.93
CA GLN A 54 26.16 31.65 17.81
C GLN A 54 26.68 31.72 16.38
N GLU A 55 25.92 31.17 15.38
CA GLU A 55 26.32 31.27 13.97
C GLU A 55 26.13 32.72 13.55
N GLY A 56 27.16 33.24 12.92
CA GLY A 56 27.21 34.61 12.42
C GLY A 56 26.35 34.87 11.21
N PRO A 57 26.15 36.17 10.87
CA PRO A 57 25.27 36.50 9.73
C PRO A 57 25.66 35.86 8.39
N GLU A 58 26.97 35.57 8.18
CA GLU A 58 27.39 34.96 6.92
C GLU A 58 26.86 33.51 6.75
N TYR A 59 26.80 32.77 7.84
CA TYR A 59 26.22 31.43 7.84
C TYR A 59 24.76 31.49 7.37
N TRP A 60 23.94 32.36 8.00
CA TRP A 60 22.52 32.50 7.67
C TRP A 60 22.33 32.98 6.24
N GLU A 61 23.17 33.91 5.78
CA GLU A 61 23.10 34.40 4.41
C GLU A 61 23.45 33.27 3.39
N ARG A 62 24.53 32.50 3.65
N ARG A 62 24.53 32.50 3.66
CA ARG A 62 24.99 31.40 2.80
CA ARG A 62 25.02 31.38 2.82
C ARG A 62 23.91 30.31 2.70
C ARG A 62 23.92 30.30 2.70
N GLU A 63 23.29 29.94 3.82
CA GLU A 63 22.20 28.92 3.86
C GLU A 63 20.96 29.43 3.14
N THR A 64 20.61 30.70 3.34
CA THR A 64 19.45 31.31 2.70
C THR A 64 19.60 31.32 1.17
N GLN A 65 20.81 31.67 0.67
CA GLN A 65 21.10 31.68 -0.76
C GLN A 65 20.95 30.25 -1.35
N LYS A 66 21.40 29.23 -0.61
CA LYS A 66 21.22 27.82 -1.00
C LYS A 66 19.71 27.49 -1.14
N ALA A 67 18.89 27.91 -0.14
CA ALA A 67 17.43 27.72 -0.16
C ALA A 67 16.76 28.37 -1.38
N LYS A 68 17.27 29.54 -1.81
CA LYS A 68 16.73 30.21 -3.00
C LYS A 68 17.01 29.36 -4.25
N GLY A 69 18.19 28.75 -4.30
CA GLY A 69 18.56 27.80 -5.35
C GLY A 69 17.66 26.58 -5.32
N GLN A 70 17.43 26.03 -4.13
CA GLN A 70 16.58 24.84 -3.93
C GLN A 70 15.13 25.08 -4.33
N GLU A 71 14.58 26.29 -4.07
CA GLU A 71 13.22 26.62 -4.49
C GLU A 71 13.10 26.45 -5.99
N GLN A 72 14.11 26.91 -6.75
N GLN A 72 14.10 26.93 -6.77
CA GLN A 72 14.16 26.79 -8.21
CA GLN A 72 14.13 26.79 -8.23
C GLN A 72 14.38 25.35 -8.66
C GLN A 72 14.31 25.32 -8.62
N TRP A 73 15.25 24.60 -7.96
CA TRP A 73 15.50 23.19 -8.23
C TRP A 73 14.16 22.41 -8.10
N PHE A 74 13.44 22.62 -6.98
CA PHE A 74 12.14 21.97 -6.75
C PHE A 74 11.07 22.39 -7.72
N ARG A 75 11.01 23.69 -8.07
CA ARG A 75 10.02 24.20 -9.04
C ARG A 75 10.19 23.47 -10.39
N VAL A 76 11.43 23.40 -10.89
CA VAL A 76 11.74 22.74 -12.16
C VAL A 76 11.50 21.24 -12.04
N SER A 77 11.96 20.60 -10.94
CA SER A 77 11.77 19.15 -10.79
C SER A 77 10.27 18.77 -10.75
N LEU A 78 9.43 19.58 -10.07
CA LEU A 78 7.98 19.35 -10.00
C LEU A 78 7.37 19.44 -11.42
N ARG A 79 7.76 20.49 -12.20
CA ARG A 79 7.30 20.68 -13.58
C ARG A 79 7.73 19.44 -14.43
N ASN A 80 8.95 18.96 -14.29
CA ASN A 80 9.39 17.79 -15.06
C ASN A 80 8.59 16.53 -14.73
N LEU A 81 8.37 16.28 -13.42
CA LEU A 81 7.61 15.13 -12.94
C LEU A 81 6.15 15.18 -13.39
N LEU A 82 5.56 16.39 -13.46
CA LEU A 82 4.19 16.59 -13.94
C LEU A 82 4.06 16.04 -15.37
N GLY A 83 5.09 16.25 -16.19
CA GLY A 83 5.17 15.76 -17.56
C GLY A 83 5.37 14.26 -17.63
N TYR A 84 6.29 13.73 -16.79
CA TYR A 84 6.56 12.29 -16.74
C TYR A 84 5.30 11.48 -16.41
N TYR A 85 4.47 12.00 -15.50
CA TYR A 85 3.29 11.29 -15.03
C TYR A 85 1.98 11.76 -15.71
N ASN A 86 2.08 12.69 -16.70
CA ASN A 86 0.92 13.22 -17.44
C ASN A 86 -0.17 13.75 -16.49
N GLN A 87 0.26 14.60 -15.54
CA GLN A 87 -0.61 15.16 -14.51
C GLN A 87 -1.00 16.59 -14.83
N SER A 88 -1.94 17.13 -14.04
CA SER A 88 -2.42 18.49 -14.21
C SER A 88 -1.90 19.39 -13.09
N ALA A 89 -1.44 20.61 -13.45
CA ALA A 89 -0.98 21.59 -12.47
C ALA A 89 -2.19 22.23 -11.76
N GLY A 90 -3.41 21.84 -12.17
CA GLY A 90 -4.66 22.24 -11.55
C GLY A 90 -4.79 21.61 -10.17
N GLY A 91 -3.99 20.58 -9.92
CA GLY A 91 -3.92 19.93 -8.62
C GLY A 91 -2.56 20.14 -7.99
N SER A 92 -2.48 20.08 -6.67
CA SER A 92 -1.22 20.23 -5.96
C SER A 92 -0.44 18.88 -6.00
N HIS A 93 0.88 18.95 -6.11
CA HIS A 93 1.74 17.79 -6.13
C HIS A 93 2.87 18.02 -5.14
N THR A 94 3.43 16.94 -4.59
N THR A 94 3.43 16.93 -4.60
CA THR A 94 4.48 17.07 -3.59
CA THR A 94 4.43 17.02 -3.53
C THR A 94 5.75 16.36 -3.96
C THR A 94 5.73 16.32 -3.86
N LEU A 95 6.86 17.01 -3.68
CA LEU A 95 8.17 16.44 -3.88
C LEU A 95 8.88 16.58 -2.52
N GLN A 96 9.49 15.49 -2.08
CA GLN A 96 10.23 15.46 -0.81
C GLN A 96 11.60 14.88 -1.00
N GLN A 97 12.52 15.28 -0.12
CA GLN A 97 13.90 14.82 -0.13
C GLN A 97 14.40 14.69 1.32
N MET A 98 15.21 13.67 1.55
CA MET A 98 15.93 13.48 2.79
C MET A 98 17.38 13.25 2.38
N SER A 99 18.30 13.97 3.06
CA SER A 99 19.72 13.78 2.88
C SER A 99 20.53 14.12 4.11
N GLY A 100 21.71 13.53 4.22
CA GLY A 100 22.57 13.76 5.37
C GLY A 100 23.52 12.63 5.61
N CYS A 101 24.03 12.57 6.81
CA CYS A 101 25.05 11.59 7.15
C CYS A 101 24.88 11.08 8.57
N ASP A 102 25.37 9.86 8.80
CA ASP A 102 25.37 9.21 10.09
C ASP A 102 26.83 9.01 10.52
N LEU A 103 27.10 9.21 11.81
CA LEU A 103 28.44 9.04 12.42
C LEU A 103 28.38 8.08 13.57
N GLY A 104 29.54 7.48 13.87
CA GLY A 104 29.73 6.60 15.01
C GLY A 104 30.02 7.40 16.27
N SER A 105 30.09 6.70 17.41
CA SER A 105 30.39 7.34 18.71
C SER A 105 31.72 8.11 18.69
N ASP A 106 32.67 7.70 17.81
CA ASP A 106 33.98 8.36 17.62
C ASP A 106 33.91 9.51 16.59
N TRP A 107 32.69 9.75 16.05
CA TRP A 107 32.38 10.80 15.06
C TRP A 107 32.84 10.51 13.61
N ARG A 108 33.30 9.27 13.29
N ARG A 108 33.29 9.27 13.29
CA ARG A 108 33.66 8.94 11.90
CA ARG A 108 33.65 8.94 11.91
C ARG A 108 32.39 8.61 11.15
C ARG A 108 32.40 8.59 11.14
N LEU A 109 32.41 8.88 9.82
CA LEU A 109 31.30 8.59 8.92
C LEU A 109 30.93 7.11 8.92
N LEU A 110 29.64 6.79 9.08
CA LEU A 110 29.13 5.43 9.00
C LEU A 110 28.51 5.28 7.63
N ARG A 111 27.66 6.29 7.21
CA ARG A 111 27.04 6.31 5.90
C ARG A 111 26.51 7.69 5.51
N GLY A 112 26.43 7.90 4.18
CA GLY A 112 25.80 9.03 3.56
C GLY A 112 24.37 8.59 3.30
N TYR A 113 23.46 9.53 3.06
CA TYR A 113 22.06 9.18 2.87
C TYR A 113 21.42 10.16 1.91
N LEU A 114 20.72 9.67 0.88
CA LEU A 114 20.02 10.54 -0.07
C LEU A 114 18.85 9.83 -0.70
N GLN A 115 17.64 10.38 -0.47
CA GLN A 115 16.44 9.85 -1.13
C GLN A 115 15.38 10.85 -1.44
N PHE A 116 14.56 10.51 -2.44
CA PHE A 116 13.50 11.38 -2.93
C PHE A 116 12.18 10.66 -2.99
N ALA A 117 11.10 11.39 -2.73
CA ALA A 117 9.73 10.88 -2.87
C ALA A 117 8.90 11.84 -3.65
N TYR A 118 7.99 11.28 -4.46
CA TYR A 118 7.01 12.05 -5.24
C TYR A 118 5.62 11.54 -4.84
N GLU A 119 4.69 12.45 -4.47
CA GLU A 119 3.33 12.11 -4.01
C GLU A 119 3.36 11.16 -2.80
N GLY A 120 4.37 11.32 -1.94
CA GLY A 120 4.54 10.50 -0.74
C GLY A 120 4.99 9.07 -0.96
N ARG A 121 5.52 8.77 -2.16
CA ARG A 121 6.01 7.44 -2.49
C ARG A 121 7.44 7.52 -2.93
N ASP A 122 8.26 6.48 -2.62
CA ASP A 122 9.66 6.43 -3.07
C ASP A 122 9.74 6.72 -4.58
N TYR A 123 10.66 7.60 -4.97
CA TYR A 123 10.85 7.96 -6.38
C TYR A 123 12.23 7.50 -6.83
N ILE A 124 13.28 8.04 -6.20
CA ILE A 124 14.67 7.68 -6.48
C ILE A 124 15.52 7.83 -5.22
N ALA A 125 16.50 6.95 -5.07
CA ALA A 125 17.37 6.94 -3.92
C ALA A 125 18.77 6.67 -4.39
N LEU A 126 19.75 7.23 -3.68
CA LEU A 126 21.16 6.96 -3.90
C LEU A 126 21.45 5.75 -3.05
N ASN A 127 22.12 4.73 -3.62
CA ASN A 127 22.50 3.53 -2.88
C ASN A 127 23.58 3.85 -1.85
N GLU A 128 23.75 2.99 -0.83
CA GLU A 128 24.74 3.19 0.24
C GLU A 128 26.19 3.38 -0.27
N ASP A 129 26.47 2.89 -1.51
CA ASP A 129 27.78 3.05 -2.18
C ASP A 129 28.05 4.52 -2.54
N LEU A 130 26.97 5.36 -2.58
CA LEU A 130 27.02 6.76 -2.98
C LEU A 130 27.51 6.95 -4.43
N LYS A 131 27.30 5.89 -5.23
CA LYS A 131 27.72 5.86 -6.62
C LYS A 131 26.58 5.48 -7.58
N THR A 132 25.68 4.58 -7.14
CA THR A 132 24.59 4.08 -7.98
C THR A 132 23.20 4.47 -7.45
N TRP A 133 22.21 4.51 -8.35
CA TRP A 133 20.84 4.89 -8.05
C TRP A 133 19.82 3.75 -8.17
N THR A 134 18.76 3.83 -7.35
CA THR A 134 17.60 2.92 -7.41
C THR A 134 16.37 3.75 -7.74
N ALA A 135 15.80 3.53 -8.94
CA ALA A 135 14.59 4.17 -9.43
C ALA A 135 13.39 3.29 -9.00
N ALA A 136 12.34 3.89 -8.46
CA ALA A 136 11.18 3.14 -7.96
C ALA A 136 10.21 2.61 -9.04
N ASP A 137 10.13 3.30 -10.17
CA ASP A 137 9.21 2.98 -11.25
C ASP A 137 9.77 3.43 -12.59
N MET A 138 8.97 3.27 -13.66
CA MET A 138 9.36 3.62 -15.03
C MET A 138 9.65 5.10 -15.18
N ALA A 139 8.82 5.98 -14.61
CA ALA A 139 9.06 7.41 -14.69
C ALA A 139 10.39 7.82 -14.03
N ALA A 140 10.72 7.24 -12.86
CA ALA A 140 11.98 7.53 -12.15
C ALA A 140 13.21 7.11 -12.94
N GLN A 141 13.03 6.15 -13.86
CA GLN A 141 14.10 5.68 -14.73
C GLN A 141 14.59 6.83 -15.62
N ILE A 142 13.73 7.76 -16.02
CA ILE A 142 14.10 8.96 -16.80
C ILE A 142 15.12 9.76 -15.96
N THR A 143 14.78 10.04 -14.66
CA THR A 143 15.68 10.76 -13.76
C THR A 143 17.01 10.02 -13.55
N ARG A 144 16.93 8.69 -13.31
CA ARG A 144 18.12 7.89 -13.10
C ARG A 144 19.11 7.95 -14.27
N ARG A 145 18.60 7.85 -15.50
CA ARG A 145 19.39 7.94 -16.73
C ARG A 145 20.04 9.33 -16.82
N LYS A 146 19.24 10.39 -16.62
CA LYS A 146 19.68 11.79 -16.65
C LYS A 146 20.83 12.02 -15.66
N TRP A 147 20.71 11.48 -14.45
CA TRP A 147 21.71 11.63 -13.39
C TRP A 147 22.97 10.81 -13.57
N GLU A 148 22.83 9.62 -14.20
CA GLU A 148 23.97 8.80 -14.54
C GLU A 148 24.82 9.54 -15.59
N GLN A 149 24.16 10.16 -16.61
CA GLN A 149 24.79 10.93 -17.70
C GLN A 149 25.55 12.15 -17.20
N SER A 150 24.95 12.90 -16.24
CA SER A 150 25.57 14.11 -15.72
C SER A 150 26.55 13.87 -14.57
N GLY A 151 26.65 12.61 -14.11
CA GLY A 151 27.54 12.22 -13.01
C GLY A 151 27.13 12.84 -11.67
N ALA A 152 25.82 13.04 -11.48
CA ALA A 152 25.23 13.66 -10.27
C ALA A 152 25.70 13.02 -8.95
N ALA A 153 25.80 11.66 -8.90
CA ALA A 153 26.19 10.92 -7.70
C ALA A 153 27.51 11.37 -7.11
N GLU A 154 28.50 11.70 -7.96
CA GLU A 154 29.82 12.14 -7.51
C GLU A 154 29.76 13.42 -6.68
N HIS A 155 28.90 14.38 -7.09
CA HIS A 155 28.71 15.63 -6.40
C HIS A 155 28.00 15.38 -5.04
N TYR A 156 27.00 14.48 -5.03
CA TYR A 156 26.33 14.15 -3.77
C TYR A 156 27.27 13.44 -2.80
N LYS A 157 28.08 12.50 -3.33
CA LYS A 157 29.08 11.77 -2.53
C LYS A 157 30.04 12.76 -1.85
N ALA A 158 30.52 13.78 -2.61
CA ALA A 158 31.45 14.80 -2.10
C ALA A 158 30.82 15.54 -0.90
N TYR A 159 29.54 15.96 -1.02
CA TYR A 159 28.84 16.64 0.05
C TYR A 159 28.63 15.72 1.27
N LEU A 160 28.02 14.54 1.06
CA LEU A 160 27.67 13.60 2.14
C LEU A 160 28.86 13.14 2.98
N GLU A 161 30.00 12.86 2.33
CA GLU A 161 31.23 12.43 3.00
C GLU A 161 32.11 13.57 3.49
N GLY A 162 31.93 14.77 2.92
CA GLY A 162 32.77 15.91 3.24
C GLY A 162 32.11 16.95 4.11
N GLU A 163 31.49 17.94 3.45
CA GLU A 163 30.81 19.05 4.14
C GLU A 163 29.81 18.56 5.19
N CYS A 164 29.02 17.53 4.88
CA CYS A 164 28.02 17.01 5.82
C CYS A 164 28.67 16.58 7.14
N VAL A 165 29.74 15.80 7.04
CA VAL A 165 30.54 15.32 8.18
C VAL A 165 31.18 16.50 8.94
N GLU A 166 31.88 17.42 8.23
CA GLU A 166 32.54 18.57 8.88
C GLU A 166 31.57 19.49 9.61
N TRP A 167 30.44 19.80 9.01
CA TRP A 167 29.46 20.65 9.66
C TRP A 167 28.83 19.96 10.87
N LEU A 168 28.48 18.66 10.77
CA LEU A 168 27.93 17.90 11.90
C LEU A 168 28.93 17.90 13.07
N HIS A 169 30.26 17.77 12.80
CA HIS A 169 31.27 17.86 13.86
C HIS A 169 31.17 19.20 14.58
N ARG A 170 31.03 20.30 13.82
CA ARG A 170 30.90 21.62 14.40
C ARG A 170 29.62 21.73 15.25
N TYR A 171 28.49 21.21 14.73
CA TYR A 171 27.21 21.28 15.45
C TYR A 171 27.23 20.45 16.74
N LEU A 172 27.85 19.26 16.71
CA LEU A 172 27.95 18.38 17.88
C LEU A 172 28.78 19.06 19.00
N LYS A 173 29.88 19.73 18.62
CA LYS A 173 30.71 20.46 19.56
C LYS A 173 29.94 21.67 20.10
N ASN A 174 29.37 22.52 19.23
CA ASN A 174 28.60 23.70 19.65
C ASN A 174 27.34 23.41 20.46
N GLY A 175 26.65 22.34 20.10
CA GLY A 175 25.42 21.94 20.78
C GLY A 175 25.61 20.94 21.90
N ASN A 176 26.88 20.67 22.29
CA ASN A 176 27.20 19.70 23.34
C ASN A 176 26.31 19.74 24.59
N ALA A 177 26.14 20.91 25.24
CA ALA A 177 25.32 20.94 26.48
C ALA A 177 23.85 20.55 26.22
N THR A 178 23.25 21.01 25.12
CA THR A 178 21.86 20.68 24.77
C THR A 178 21.73 19.20 24.33
N LEU A 179 22.61 18.76 23.41
CA LEU A 179 22.61 17.42 22.82
C LEU A 179 22.81 16.31 23.84
N LEU A 180 23.63 16.54 24.87
CA LEU A 180 23.90 15.51 25.89
C LEU A 180 22.83 15.40 26.96
N ARG A 181 22.00 16.42 27.10
CA ARG A 181 20.96 16.48 28.13
C ARG A 181 19.89 15.45 27.92
N THR A 182 19.44 14.84 29.01
CA THR A 182 18.34 13.89 28.99
C THR A 182 17.34 14.30 30.03
N ASP A 183 16.09 13.84 29.85
CA ASP A 183 14.99 14.01 30.82
C ASP A 183 14.49 12.62 31.08
N SER A 184 14.56 12.18 32.35
N SER A 184 14.52 12.20 32.35
CA SER A 184 14.15 10.83 32.70
CA SER A 184 14.12 10.86 32.72
C SER A 184 12.62 10.67 32.69
C SER A 184 12.60 10.68 32.67
N PRO A 185 12.10 9.50 32.27
CA PRO A 185 10.64 9.29 32.32
C PRO A 185 10.20 9.18 33.79
N LYS A 186 9.01 9.70 34.09
CA LYS A 186 8.37 9.51 35.40
C LYS A 186 7.27 8.53 35.08
N ALA A 187 7.27 7.40 35.75
CA ALA A 187 6.32 6.36 35.46
C ALA A 187 5.33 6.11 36.60
N HIS A 188 4.18 5.58 36.24
CA HIS A 188 3.09 5.25 37.16
C HIS A 188 2.19 4.26 36.47
N VAL A 189 1.45 3.47 37.26
CA VAL A 189 0.54 2.46 36.72
C VAL A 189 -0.90 2.87 37.07
N THR A 190 -1.83 2.71 36.11
CA THR A 190 -3.25 3.00 36.36
C THR A 190 -4.07 1.73 36.20
N HIS A 191 -5.25 1.66 36.91
CA HIS A 191 -6.16 0.51 36.87
C HIS A 191 -7.46 0.87 36.11
N HIS A 192 -7.82 0.05 35.10
CA HIS A 192 -9.01 0.21 34.26
C HIS A 192 -9.71 -1.15 34.16
N PRO A 193 -10.62 -1.44 35.10
CA PRO A 193 -11.28 -2.75 35.13
C PRO A 193 -12.24 -2.99 33.96
N ARG A 194 -12.37 -4.24 33.54
CA ARG A 194 -13.25 -4.58 32.43
C ARG A 194 -14.15 -5.82 32.71
N SER A 195 -14.76 -6.38 31.65
CA SER A 195 -15.66 -7.54 31.71
C SER A 195 -14.86 -8.83 31.96
N LYS A 196 -15.56 -9.97 32.22
CA LYS A 196 -14.99 -11.31 32.38
C LYS A 196 -13.96 -11.46 33.52
N GLY A 197 -14.10 -10.65 34.55
CA GLY A 197 -13.20 -10.66 35.71
C GLY A 197 -11.78 -10.22 35.38
N GLU A 198 -11.65 -9.41 34.32
CA GLU A 198 -10.41 -8.83 33.81
C GLU A 198 -10.32 -7.35 34.21
N VAL A 199 -9.09 -6.80 34.28
CA VAL A 199 -8.74 -5.41 34.62
C VAL A 199 -7.54 -5.06 33.71
N THR A 200 -7.52 -3.86 33.10
CA THR A 200 -6.38 -3.44 32.27
C THR A 200 -5.43 -2.64 33.14
N LEU A 201 -4.14 -3.01 33.09
CA LEU A 201 -3.09 -2.29 33.85
C LEU A 201 -2.32 -1.42 32.85
N ARG A 202 -2.21 -0.11 33.10
CA ARG A 202 -1.54 0.77 32.13
C ARG A 202 -0.29 1.38 32.69
N CYS A 203 0.84 1.05 32.10
CA CYS A 203 2.08 1.65 32.58
C CYS A 203 2.43 2.83 31.72
N TRP A 204 2.52 4.01 32.33
CA TRP A 204 2.79 5.28 31.70
C TRP A 204 4.22 5.71 31.93
N ALA A 205 4.82 6.34 30.92
CA ALA A 205 6.15 6.95 30.97
C ALA A 205 5.96 8.36 30.44
N LEU A 206 6.19 9.35 31.32
CA LEU A 206 5.96 10.75 30.97
C LEU A 206 7.17 11.66 31.18
N GLY A 207 7.23 12.69 30.37
CA GLY A 207 8.22 13.76 30.44
C GLY A 207 9.64 13.33 30.12
N PHE A 208 9.83 12.36 29.22
CA PHE A 208 11.17 11.90 28.86
C PHE A 208 11.75 12.50 27.58
N TYR A 209 13.10 12.51 27.51
CA TYR A 209 13.88 12.95 26.35
C TYR A 209 15.26 12.27 26.33
N PRO A 210 15.74 11.69 25.20
CA PRO A 210 15.11 11.57 23.87
C PRO A 210 13.89 10.65 23.82
N ALA A 211 13.25 10.56 22.62
CA ALA A 211 12.02 9.78 22.43
C ALA A 211 12.19 8.28 22.57
N ASP A 212 13.42 7.75 22.30
CA ASP A 212 13.71 6.30 22.42
C ASP A 212 13.46 5.82 23.86
N ILE A 213 12.65 4.77 24.00
CA ILE A 213 12.26 4.21 25.29
C ILE A 213 11.73 2.78 25.11
N THR A 214 11.81 1.99 26.17
CA THR A 214 11.25 0.64 26.15
C THR A 214 10.44 0.44 27.40
N LEU A 215 9.20 -0.04 27.23
CA LEU A 215 8.30 -0.38 28.33
C LEU A 215 8.02 -1.88 28.26
N THR A 216 8.11 -2.58 29.40
CA THR A 216 7.83 -4.02 29.42
C THR A 216 6.93 -4.37 30.57
N TRP A 217 6.16 -5.46 30.41
CA TRP A 217 5.30 -5.98 31.48
C TRP A 217 5.71 -7.41 31.82
N GLN A 218 5.49 -7.82 33.07
CA GLN A 218 5.78 -9.19 33.51
C GLN A 218 4.90 -9.63 34.68
N LEU A 219 4.67 -10.96 34.80
CA LEU A 219 3.95 -11.61 35.91
C LEU A 219 5.07 -12.31 36.67
N ASN A 220 5.59 -11.67 37.75
CA ASN A 220 6.74 -12.16 38.53
C ASN A 220 8.03 -12.08 37.65
N GLY A 221 8.19 -13.05 36.74
CA GLY A 221 9.28 -13.11 35.78
C GLY A 221 8.77 -13.38 34.38
N GLU A 222 9.68 -13.32 33.38
CA GLU A 222 9.42 -13.53 31.94
C GLU A 222 8.51 -12.46 31.30
N GLU A 223 9.04 -11.78 30.27
CA GLU A 223 8.36 -10.72 29.50
C GLU A 223 7.12 -11.24 28.76
N LEU A 224 6.12 -10.37 28.53
CA LEU A 224 4.87 -10.74 27.88
C LEU A 224 4.77 -10.32 26.41
N THR A 225 4.70 -11.32 25.49
CA THR A 225 4.66 -11.17 24.04
C THR A 225 3.26 -10.92 23.42
N GLN A 226 3.20 -9.97 22.46
CA GLN A 226 2.02 -9.57 21.67
C GLN A 226 0.77 -9.05 22.42
N ASP A 227 0.35 -9.74 23.51
CA ASP A 227 -0.83 -9.39 24.33
C ASP A 227 -0.79 -7.98 24.99
N MET A 228 0.39 -7.34 24.95
CA MET A 228 0.64 -6.01 25.51
C MET A 228 0.28 -4.93 24.46
N GLU A 229 -0.54 -3.94 24.87
CA GLU A 229 -0.96 -2.80 24.02
C GLU A 229 0.04 -1.66 24.23
N LEU A 230 0.51 -1.05 23.13
CA LEU A 230 1.53 -0.01 23.14
C LEU A 230 1.19 1.18 22.19
N VAL A 231 0.98 2.42 22.73
CA VAL A 231 0.72 3.59 21.86
C VAL A 231 2.02 4.02 21.25
N GLU A 232 1.95 4.72 20.10
CA GLU A 232 3.12 5.33 19.49
C GLU A 232 3.58 6.47 20.42
N THR A 233 4.92 6.64 20.52
CA THR A 233 5.54 7.69 21.32
C THR A 233 5.04 9.05 20.80
N ARG A 234 4.60 9.88 21.72
CA ARG A 234 4.00 11.16 21.35
C ARG A 234 4.60 12.36 22.07
N PRO A 235 4.67 13.53 21.40
CA PRO A 235 5.24 14.71 22.04
C PRO A 235 4.28 15.31 23.05
N ALA A 236 4.79 15.71 24.22
CA ALA A 236 3.97 16.39 25.24
C ALA A 236 3.73 17.85 24.80
N GLY A 237 4.59 18.36 23.94
CA GLY A 237 4.55 19.73 23.44
C GLY A 237 5.51 20.67 24.11
N ASP A 238 6.29 20.18 25.09
CA ASP A 238 7.26 20.99 25.84
C ASP A 238 8.70 20.51 25.58
N GLY A 239 8.88 19.71 24.53
CA GLY A 239 10.17 19.12 24.18
C GLY A 239 10.32 17.70 24.69
N THR A 240 9.43 17.26 25.60
CA THR A 240 9.45 15.90 26.13
C THR A 240 8.43 14.99 25.43
N PHE A 241 8.54 13.69 25.70
CA PHE A 241 7.70 12.65 25.11
C PHE A 241 6.94 11.83 26.15
N GLN A 242 5.96 11.08 25.65
CA GLN A 242 5.09 10.22 26.46
C GLN A 242 4.89 8.91 25.73
N LYS A 243 4.62 7.86 26.47
CA LYS A 243 4.32 6.55 25.95
C LYS A 243 3.64 5.74 27.07
N TRP A 244 2.78 4.80 26.69
CA TRP A 244 2.18 3.83 27.61
C TRP A 244 2.12 2.44 27.05
N ALA A 245 2.10 1.43 27.95
CA ALA A 245 2.02 0.02 27.64
C ALA A 245 1.00 -0.59 28.57
N SER A 246 0.04 -1.32 28.02
CA SER A 246 -1.01 -1.87 28.88
C SER A 246 -1.16 -3.38 28.75
N VAL A 247 -1.69 -3.99 29.81
CA VAL A 247 -1.97 -5.43 29.86
C VAL A 247 -3.33 -5.68 30.48
N VAL A 248 -4.01 -6.72 29.99
CA VAL A 248 -5.30 -7.22 30.49
C VAL A 248 -4.91 -8.34 31.47
N VAL A 249 -5.28 -8.17 32.73
CA VAL A 249 -4.94 -9.10 33.82
C VAL A 249 -6.21 -9.56 34.57
N PRO A 250 -6.22 -10.79 35.17
CA PRO A 250 -7.40 -11.19 35.97
C PRO A 250 -7.54 -10.33 37.22
N LEU A 251 -8.77 -10.10 37.67
CA LEU A 251 -9.11 -9.29 38.86
C LEU A 251 -8.77 -10.09 40.14
N GLY A 252 -7.48 -10.27 40.36
CA GLY A 252 -6.92 -11.01 41.49
C GLY A 252 -5.42 -11.23 41.40
N LYS A 253 -4.77 -10.65 40.37
CA LYS A 253 -3.33 -10.77 40.10
C LYS A 253 -2.65 -9.41 39.79
N GLU A 254 -3.34 -8.27 39.99
CA GLU A 254 -2.84 -6.91 39.68
C GLU A 254 -1.50 -6.56 40.33
N GLN A 255 -1.42 -6.67 41.68
CA GLN A 255 -0.21 -6.44 42.47
C GLN A 255 0.90 -7.47 42.15
N ASN A 256 0.54 -8.56 41.45
CA ASN A 256 1.46 -9.61 40.97
C ASN A 256 2.17 -9.25 39.66
N TYR A 257 1.76 -8.15 38.98
CA TYR A 257 2.35 -7.70 37.70
C TYR A 257 3.33 -6.57 37.89
N THR A 258 4.42 -6.56 37.09
CA THR A 258 5.38 -5.47 37.19
C THR A 258 5.74 -4.91 35.81
N CYS A 259 5.91 -3.60 35.79
CA CYS A 259 6.32 -2.92 34.57
C CYS A 259 7.74 -2.42 34.71
N ARG A 260 8.47 -2.45 33.62
CA ARG A 260 9.85 -1.96 33.58
C ARG A 260 10.00 -0.92 32.50
N VAL A 261 10.73 0.14 32.82
CA VAL A 261 10.97 1.26 31.91
C VAL A 261 12.48 1.39 31.70
N TYR A 262 12.90 1.35 30.44
CA TYR A 262 14.31 1.47 30.03
C TYR A 262 14.49 2.74 29.22
N HIS A 263 15.36 3.63 29.68
CA HIS A 263 15.63 4.89 29.02
C HIS A 263 17.02 5.35 29.43
N GLU A 264 17.77 5.86 28.47
CA GLU A 264 19.16 6.35 28.66
C GLU A 264 19.32 7.42 29.74
N GLY A 265 18.24 8.15 30.03
CA GLY A 265 18.21 9.20 31.04
C GLY A 265 18.16 8.70 32.48
N LEU A 266 17.72 7.45 32.68
CA LEU A 266 17.55 6.86 34.01
C LEU A 266 18.89 6.43 34.68
N PRO A 267 19.07 6.70 35.99
CA PRO A 267 20.24 6.17 36.72
C PRO A 267 20.28 4.64 36.69
N GLU A 268 19.09 4.00 36.55
CA GLU A 268 18.87 2.56 36.42
C GLU A 268 17.42 2.34 35.94
N PRO A 269 17.11 1.20 35.27
CA PRO A 269 15.73 0.98 34.81
C PRO A 269 14.68 0.99 35.91
N LEU A 270 13.48 1.53 35.61
CA LEU A 270 12.41 1.59 36.60
C LEU A 270 11.69 0.27 36.75
N THR A 271 11.23 -0.04 37.97
CA THR A 271 10.45 -1.24 38.26
C THR A 271 9.27 -0.79 39.08
N LEU A 272 8.05 -1.08 38.59
CA LEU A 272 6.82 -0.66 39.25
C LEU A 272 5.62 -1.57 39.05
N ARG A 273 4.65 -1.40 39.94
CA ARG A 273 3.40 -2.16 39.94
C ARG A 273 2.23 -1.28 40.33
N TRP A 274 0.99 -1.76 40.13
CA TRP A 274 -0.17 -0.97 40.53
C TRP A 274 -0.21 -0.80 42.05
N GLU A 275 -0.51 0.42 42.50
CA GLU A 275 -0.62 0.76 43.91
C GLU A 275 -2.06 1.13 44.28
N PRO A 276 -2.69 0.43 45.26
CA PRO A 276 -4.08 0.73 45.64
C PRO A 276 -4.33 2.07 46.34
N PRO A 277 -5.36 2.82 45.88
CA PRO A 277 -5.64 4.15 46.46
C PRO A 277 -6.12 4.12 47.90
N GLN B 2 -2.82 8.61 -1.17
CA GLN B 2 -3.67 9.04 -0.04
C GLN B 2 -3.42 8.18 1.21
N LYS B 3 -2.76 8.77 2.23
CA LYS B 3 -2.47 8.10 3.49
C LYS B 3 -3.39 8.67 4.57
N THR B 4 -4.14 7.76 5.27
CA THR B 4 -5.12 8.10 6.33
C THR B 4 -4.49 8.58 7.66
N PRO B 5 -4.86 9.77 8.15
CA PRO B 5 -4.28 10.23 9.42
C PRO B 5 -4.62 9.37 10.63
N GLN B 6 -3.62 9.17 11.46
CA GLN B 6 -3.73 8.53 12.76
C GLN B 6 -3.78 9.67 13.76
N ILE B 7 -4.61 9.55 14.81
CA ILE B 7 -4.81 10.60 15.77
C ILE B 7 -4.68 10.11 17.20
N GLN B 8 -4.04 10.91 18.03
CA GLN B 8 -3.98 10.72 19.48
C GLN B 8 -4.39 12.02 20.13
N VAL B 9 -5.31 11.94 21.09
CA VAL B 9 -5.77 13.11 21.85
C VAL B 9 -5.40 12.82 23.31
N TYR B 10 -4.64 13.72 23.93
CA TYR B 10 -4.06 13.46 25.28
C TYR B 10 -3.60 14.73 25.93
N SER B 11 -3.45 14.71 27.25
CA SER B 11 -3.01 15.88 27.97
C SER B 11 -1.46 15.90 28.11
N ARG B 12 -0.90 17.10 28.17
CA ARG B 12 0.53 17.30 28.39
C ARG B 12 0.93 16.75 29.77
N HIS B 13 0.14 17.06 30.81
CA HIS B 13 0.39 16.62 32.18
C HIS B 13 -0.66 15.61 32.65
N PRO B 14 -0.40 14.73 33.66
CA PRO B 14 -1.45 13.79 34.10
C PRO B 14 -2.68 14.60 34.54
N PRO B 15 -3.89 14.23 34.08
CA PRO B 15 -5.03 15.09 34.37
C PRO B 15 -5.56 14.98 35.79
N GLU B 16 -6.01 16.12 36.30
CA GLU B 16 -6.67 16.28 37.59
C GLU B 16 -7.85 17.22 37.38
N ASN B 17 -9.07 16.80 37.73
CA ASN B 17 -10.24 17.68 37.58
C ASN B 17 -10.05 19.04 38.27
N GLY B 18 -10.34 20.11 37.53
CA GLY B 18 -10.22 21.47 38.02
C GLY B 18 -8.83 22.06 37.93
N LYS B 19 -7.85 21.29 37.43
CA LYS B 19 -6.47 21.76 37.28
C LYS B 19 -6.10 22.13 35.82
N PRO B 20 -5.73 23.40 35.54
CA PRO B 20 -5.34 23.79 34.17
C PRO B 20 -4.27 22.88 33.58
N ASN B 21 -4.43 22.55 32.31
CA ASN B 21 -3.55 21.63 31.58
C ASN B 21 -3.49 22.06 30.08
N ILE B 22 -2.85 21.25 29.26
CA ILE B 22 -2.75 21.46 27.82
C ILE B 22 -3.26 20.20 27.14
N LEU B 23 -4.21 20.38 26.21
CA LEU B 23 -4.75 19.26 25.47
C LEU B 23 -4.07 19.22 24.10
N ASN B 24 -3.56 18.05 23.77
CA ASN B 24 -2.86 17.81 22.51
C ASN B 24 -3.66 17.01 21.56
N CYS B 25 -3.53 17.35 20.29
CA CYS B 25 -4.05 16.54 19.23
C CYS B 25 -2.88 16.28 18.26
N TYR B 26 -2.36 15.07 18.30
CA TYR B 26 -1.19 14.67 17.52
C TYR B 26 -1.65 13.87 16.32
N VAL B 27 -1.43 14.43 15.11
CA VAL B 27 -1.92 13.83 13.87
C VAL B 27 -0.72 13.40 13.04
N THR B 28 -0.68 12.13 12.64
CA THR B 28 0.46 11.55 11.93
C THR B 28 0.02 10.67 10.77
N GLN B 29 1.01 10.19 10.02
CA GLN B 29 0.87 9.21 8.94
C GLN B 29 -0.07 9.65 7.82
N PHE B 30 -0.14 10.94 7.52
CA PHE B 30 -1.03 11.38 6.45
C PHE B 30 -0.27 11.96 5.25
N HIS B 31 -0.92 11.90 4.09
CA HIS B 31 -0.39 12.41 2.83
C HIS B 31 -1.60 12.62 1.90
N PRO B 32 -1.79 13.78 1.24
CA PRO B 32 -0.91 14.94 1.12
C PRO B 32 -0.85 15.81 2.38
N PRO B 33 0.08 16.80 2.44
CA PRO B 33 0.22 17.59 3.66
C PRO B 33 -0.93 18.52 4.04
N HIS B 34 -1.83 18.86 3.12
CA HIS B 34 -2.97 19.72 3.46
C HIS B 34 -3.92 19.00 4.42
N ILE B 35 -4.24 19.62 5.56
CA ILE B 35 -5.12 19.01 6.57
C ILE B 35 -5.87 20.09 7.32
N GLU B 36 -7.05 19.74 7.85
CA GLU B 36 -7.84 20.68 8.62
C GLU B 36 -8.07 20.02 9.97
N ILE B 37 -7.61 20.69 11.04
CA ILE B 37 -7.70 20.19 12.40
C ILE B 37 -8.47 21.18 13.28
N GLN B 38 -9.48 20.68 13.99
CA GLN B 38 -10.28 21.48 14.92
C GLN B 38 -10.25 20.81 16.29
N MET B 39 -10.24 21.62 17.35
CA MET B 39 -10.35 21.07 18.70
C MET B 39 -11.70 21.52 19.28
N LEU B 40 -12.43 20.61 19.92
CA LEU B 40 -13.78 20.90 20.40
C LEU B 40 -13.98 20.67 21.88
N LYS B 41 -14.75 21.54 22.52
CA LYS B 41 -15.17 21.42 23.92
C LYS B 41 -16.71 21.33 23.90
N ASN B 42 -17.24 20.20 24.40
CA ASN B 42 -18.67 19.88 24.41
C ASN B 42 -19.32 20.06 23.01
N GLY B 43 -18.62 19.56 21.98
CA GLY B 43 -19.06 19.61 20.59
C GLY B 43 -18.90 20.97 19.91
N LYS B 44 -18.37 21.97 20.62
CA LYS B 44 -18.17 23.32 20.07
C LYS B 44 -16.71 23.64 19.84
N LYS B 45 -16.42 24.22 18.66
CA LYS B 45 -15.10 24.64 18.21
C LYS B 45 -14.38 25.53 19.22
N ILE B 46 -13.15 25.16 19.57
CA ILE B 46 -12.31 25.95 20.48
C ILE B 46 -11.57 26.98 19.64
N PRO B 47 -11.79 28.30 19.89
CA PRO B 47 -11.15 29.32 19.06
C PRO B 47 -9.66 29.43 19.10
N LYS B 48 -9.02 29.34 20.27
CA LYS B 48 -7.57 29.49 20.29
C LYS B 48 -6.87 28.12 20.22
N VAL B 49 -6.38 27.73 19.00
CA VAL B 49 -5.69 26.43 18.87
C VAL B 49 -4.32 26.67 18.23
N GLU B 50 -3.27 26.29 18.94
CA GLU B 50 -1.90 26.45 18.45
C GLU B 50 -1.57 25.28 17.52
N MET B 51 -0.92 25.55 16.36
CA MET B 51 -0.50 24.49 15.42
C MET B 51 1.02 24.51 15.29
N SER B 52 1.64 23.35 15.40
CA SER B 52 3.08 23.26 15.19
C SER B 52 3.33 23.46 13.67
N ASP B 53 4.59 23.68 13.27
CA ASP B 53 4.98 23.76 11.87
C ASP B 53 4.94 22.33 11.29
N MET B 54 4.58 22.18 10.02
N MET B 54 4.62 22.20 10.01
CA MET B 54 4.52 20.81 9.51
CA MET B 54 4.55 20.85 9.44
C MET B 54 5.90 20.23 9.20
C MET B 54 5.92 20.24 9.19
N SER B 55 6.01 18.97 9.52
CA SER B 55 7.20 18.14 9.44
C SER B 55 6.78 16.80 8.82
N PHE B 56 7.76 15.99 8.43
CA PHE B 56 7.49 14.68 7.89
C PHE B 56 8.49 13.67 8.46
N SER B 57 8.08 12.41 8.49
CA SER B 57 8.85 11.31 9.04
C SER B 57 9.59 10.60 7.97
N LYS B 58 10.51 9.71 8.36
CA LYS B 58 11.38 8.90 7.49
C LYS B 58 10.57 8.10 6.45
N ASP B 59 9.30 7.74 6.76
CA ASP B 59 8.46 7.01 5.79
C ASP B 59 7.75 7.97 4.80
N TRP B 60 8.10 9.29 4.83
CA TRP B 60 7.56 10.41 3.99
C TRP B 60 6.27 11.02 4.46
N SER B 61 5.54 10.33 5.37
CA SER B 61 4.26 10.85 5.84
C SER B 61 4.44 12.08 6.73
N PHE B 62 3.46 12.96 6.72
CA PHE B 62 3.46 14.19 7.45
C PHE B 62 2.85 14.03 8.83
N TYR B 63 3.26 14.91 9.75
CA TYR B 63 2.72 14.95 11.11
C TYR B 63 2.63 16.38 11.59
N ILE B 64 1.72 16.62 12.52
CA ILE B 64 1.52 17.94 13.09
C ILE B 64 0.92 17.78 14.48
N LEU B 65 1.20 18.75 15.34
CA LEU B 65 0.68 18.79 16.72
C LEU B 65 -0.14 20.04 16.90
N ALA B 66 -1.42 19.84 17.23
CA ALA B 66 -2.35 20.93 17.56
C ALA B 66 -2.53 20.89 19.09
N HIS B 67 -2.58 22.06 19.72
CA HIS B 67 -2.78 22.12 21.17
C HIS B 67 -3.57 23.34 21.64
N THR B 68 -4.11 23.22 22.86
CA THR B 68 -4.91 24.25 23.51
C THR B 68 -4.95 24.06 25.01
N GLU B 69 -5.07 25.16 25.74
CA GLU B 69 -5.24 25.16 27.20
C GLU B 69 -6.60 24.58 27.49
N PHE B 70 -6.70 23.81 28.56
CA PHE B 70 -7.98 23.26 29.00
C PHE B 70 -7.90 22.89 30.47
N THR B 71 -9.07 22.85 31.14
CA THR B 71 -9.16 22.46 32.53
C THR B 71 -10.08 21.25 32.56
N PRO B 72 -9.56 20.02 32.71
CA PRO B 72 -10.46 18.87 32.76
C PRO B 72 -11.46 18.94 33.92
N THR B 73 -12.68 18.44 33.69
CA THR B 73 -13.75 18.39 34.70
C THR B 73 -14.42 17.03 34.55
N GLU B 74 -15.33 16.69 35.49
CA GLU B 74 -16.08 15.43 35.45
C GLU B 74 -17.04 15.41 34.26
N THR B 75 -17.63 16.57 33.91
CA THR B 75 -18.65 16.68 32.86
C THR B 75 -18.22 17.12 31.48
N ASP B 76 -17.23 18.04 31.37
CA ASP B 76 -16.79 18.53 30.05
C ASP B 76 -16.14 17.46 29.20
N THR B 77 -16.48 17.45 27.90
CA THR B 77 -15.89 16.53 26.95
C THR B 77 -15.01 17.33 25.97
N TYR B 78 -13.96 16.65 25.47
CA TYR B 78 -13.03 17.27 24.55
C TYR B 78 -12.76 16.33 23.42
N ALA B 79 -12.63 16.91 22.23
CA ALA B 79 -12.40 16.13 21.05
C ALA B 79 -11.53 16.86 20.05
N CYS B 80 -11.00 16.09 19.13
CA CYS B 80 -10.25 16.61 18.00
C CYS B 80 -10.88 16.06 16.73
N ARG B 81 -11.20 16.96 15.78
CA ARG B 81 -11.85 16.63 14.53
C ARG B 81 -10.90 16.93 13.39
N VAL B 82 -10.66 15.92 12.57
CA VAL B 82 -9.69 16.01 11.48
C VAL B 82 -10.36 15.74 10.14
N LYS B 83 -10.13 16.68 9.19
N LYS B 83 -10.13 16.66 9.19
CA LYS B 83 -10.62 16.60 7.82
CA LYS B 83 -10.64 16.55 7.84
C LYS B 83 -9.41 16.44 6.91
C LYS B 83 -9.44 16.45 6.91
N HIS B 84 -9.39 15.39 6.11
CA HIS B 84 -8.28 15.13 5.19
C HIS B 84 -8.81 14.41 3.96
N ASP B 85 -8.19 14.68 2.84
CA ASP B 85 -8.49 14.17 1.49
C ASP B 85 -8.63 12.60 1.46
N SER B 86 -7.86 11.89 2.30
CA SER B 86 -7.90 10.42 2.41
C SER B 86 -9.19 9.87 3.05
N MET B 87 -10.01 10.74 3.69
CA MET B 87 -11.20 10.28 4.41
C MET B 87 -12.48 10.83 3.88
N ALA B 88 -13.50 9.96 3.75
CA ALA B 88 -14.81 10.37 3.24
C ALA B 88 -15.49 11.35 4.16
N GLU B 89 -15.29 11.16 5.47
CA GLU B 89 -15.90 11.99 6.51
C GLU B 89 -14.82 12.49 7.47
N PRO B 90 -15.04 13.64 8.13
CA PRO B 90 -14.08 14.08 9.17
C PRO B 90 -14.05 13.04 10.29
N LYS B 91 -12.87 12.81 10.86
CA LYS B 91 -12.66 11.83 11.95
C LYS B 91 -12.56 12.59 13.27
N THR B 92 -13.39 12.19 14.25
CA THR B 92 -13.42 12.80 15.59
C THR B 92 -12.96 11.81 16.65
N VAL B 93 -11.93 12.19 17.40
CA VAL B 93 -11.37 11.39 18.48
C VAL B 93 -11.61 12.19 19.75
N TYR B 94 -12.25 11.56 20.73
CA TYR B 94 -12.48 12.20 22.00
C TYR B 94 -11.29 11.98 22.91
N TRP B 95 -11.08 12.93 23.77
CA TRP B 95 -10.08 12.77 24.81
C TRP B 95 -10.64 11.77 25.80
N ASP B 96 -9.79 10.87 26.25
CA ASP B 96 -10.11 9.89 27.27
C ASP B 96 -8.92 9.94 28.23
N ARG B 97 -9.14 10.45 29.46
CA ARG B 97 -8.10 10.56 30.49
C ARG B 97 -7.31 9.30 30.80
N ASP B 98 -7.86 8.12 30.48
CA ASP B 98 -7.23 6.81 30.69
C ASP B 98 -6.21 6.48 29.59
N MET B 99 -6.09 7.35 28.55
CA MET B 99 -5.22 7.10 27.40
C MET B 99 -4.40 8.33 26.95
N GLY C 1 -23.10 -26.78 -4.73
CA GLY C 1 -22.37 -25.73 -4.05
C GLY C 1 -22.94 -24.33 -4.30
N PRO C 2 -22.26 -23.24 -3.86
CA PRO C 2 -22.79 -21.89 -4.12
C PRO C 2 -22.62 -21.45 -5.57
N HIS C 3 -23.39 -20.46 -6.00
CA HIS C 3 -23.36 -19.97 -7.37
C HIS C 3 -23.26 -18.46 -7.41
N SER C 4 -22.78 -17.93 -8.55
CA SER C 4 -22.63 -16.49 -8.71
C SER C 4 -22.66 -16.02 -10.15
N MET C 5 -23.02 -14.75 -10.32
CA MET C 5 -22.90 -14.08 -11.59
C MET C 5 -22.18 -12.77 -11.31
N ARG C 6 -21.25 -12.38 -12.19
CA ARG C 6 -20.59 -11.07 -12.07
C ARG C 6 -20.38 -10.48 -13.43
N TYR C 7 -20.46 -9.15 -13.52
CA TYR C 7 -20.00 -8.41 -14.69
C TYR C 7 -18.82 -7.57 -14.18
N PHE C 8 -17.67 -7.72 -14.84
CA PHE C 8 -16.45 -6.99 -14.52
C PHE C 8 -16.30 -6.01 -15.66
N GLU C 9 -16.49 -4.73 -15.35
CA GLU C 9 -16.44 -3.68 -16.37
C GLU C 9 -15.25 -2.79 -16.18
N THR C 10 -14.61 -2.45 -17.28
CA THR C 10 -13.44 -1.55 -17.30
C THR C 10 -13.60 -0.48 -18.40
N ALA C 11 -13.24 0.74 -18.07
CA ALA C 11 -13.13 1.80 -19.06
C ALA C 11 -11.77 2.44 -18.85
N VAL C 12 -11.02 2.55 -19.95
CA VAL C 12 -9.68 3.14 -19.93
C VAL C 12 -9.75 4.35 -20.84
N SER C 13 -9.49 5.55 -20.28
CA SER C 13 -9.52 6.76 -21.09
C SER C 13 -8.30 6.74 -22.01
N ARG C 14 -8.45 7.34 -23.17
CA ARG C 14 -7.39 7.38 -24.15
C ARG C 14 -7.05 8.85 -24.41
N PRO C 15 -5.79 9.28 -24.15
CA PRO C 15 -5.42 10.68 -24.42
C PRO C 15 -5.66 11.09 -25.88
N GLY C 16 -6.36 12.21 -26.05
CA GLY C 16 -6.69 12.78 -27.36
C GLY C 16 -8.04 12.37 -27.93
N LEU C 17 -8.65 11.30 -27.40
CA LEU C 17 -9.95 10.78 -27.87
C LEU C 17 -11.04 11.01 -26.83
N GLU C 18 -12.27 11.30 -27.31
CA GLU C 18 -13.44 11.54 -26.46
C GLU C 18 -13.95 10.26 -25.81
N GLU C 19 -13.90 9.15 -26.58
CA GLU C 19 -14.37 7.84 -26.14
C GLU C 19 -13.28 6.99 -25.51
N PRO C 20 -13.53 6.44 -24.30
CA PRO C 20 -12.56 5.50 -23.70
C PRO C 20 -12.70 4.10 -24.33
N ARG C 21 -11.77 3.19 -24.02
CA ARG C 21 -11.95 1.81 -24.41
C ARG C 21 -12.81 1.21 -23.28
N TYR C 22 -13.87 0.50 -23.65
CA TYR C 22 -14.79 -0.11 -22.70
C TYR C 22 -14.82 -1.61 -22.90
N ILE C 23 -14.64 -2.34 -21.80
CA ILE C 23 -14.63 -3.80 -21.78
C ILE C 23 -15.55 -4.28 -20.71
N SER C 24 -16.43 -5.21 -21.05
CA SER C 24 -17.31 -5.81 -20.07
C SER C 24 -17.13 -7.31 -20.17
N VAL C 25 -16.88 -7.94 -19.03
CA VAL C 25 -16.72 -9.40 -18.96
C VAL C 25 -17.73 -9.98 -18.00
N GLY C 26 -18.56 -10.91 -18.51
CA GLY C 26 -19.52 -11.61 -17.68
C GLY C 26 -18.95 -12.96 -17.23
N TYR C 27 -19.26 -13.35 -15.97
CA TYR C 27 -18.85 -14.62 -15.37
C TYR C 27 -20.04 -15.26 -14.71
N VAL C 28 -20.15 -16.58 -14.83
CA VAL C 28 -21.14 -17.39 -14.12
C VAL C 28 -20.26 -18.42 -13.40
N ASP C 29 -20.37 -18.51 -12.08
CA ASP C 29 -19.54 -19.41 -11.24
C ASP C 29 -18.05 -19.24 -11.54
N ASN C 30 -17.59 -17.98 -11.58
N ASN C 30 -17.57 -17.98 -11.57
CA ASN C 30 -16.20 -17.57 -11.82
CA ASN C 30 -16.16 -17.62 -11.80
C ASN C 30 -15.64 -18.02 -13.19
C ASN C 30 -15.62 -18.04 -13.20
N LYS C 31 -16.51 -18.37 -14.14
CA LYS C 31 -16.11 -18.77 -15.49
C LYS C 31 -16.66 -17.76 -16.49
N GLU C 32 -15.77 -17.23 -17.36
CA GLU C 32 -16.17 -16.25 -18.37
C GLU C 32 -17.24 -16.82 -19.32
N PHE C 33 -18.37 -16.10 -19.51
CA PHE C 33 -19.46 -16.60 -20.37
C PHE C 33 -19.83 -15.62 -21.47
N VAL C 34 -19.55 -14.31 -21.26
CA VAL C 34 -19.78 -13.27 -22.27
C VAL C 34 -18.67 -12.25 -22.23
N ARG C 35 -18.46 -11.55 -23.34
CA ARG C 35 -17.50 -10.46 -23.42
C ARG C 35 -17.89 -9.40 -24.44
N PHE C 36 -17.72 -8.13 -24.07
CA PHE C 36 -17.89 -6.99 -24.94
C PHE C 36 -16.58 -6.21 -24.90
N ASP C 37 -16.09 -5.77 -26.05
CA ASP C 37 -14.88 -4.95 -26.11
C ASP C 37 -15.07 -3.88 -27.19
N SER C 38 -15.04 -2.60 -26.81
CA SER C 38 -15.23 -1.47 -27.72
C SER C 38 -14.13 -1.35 -28.82
N ASP C 39 -12.98 -2.00 -28.60
CA ASP C 39 -11.83 -2.01 -29.54
C ASP C 39 -12.00 -3.01 -30.71
N ALA C 40 -13.04 -3.84 -30.67
CA ALA C 40 -13.30 -4.83 -31.73
C ALA C 40 -13.75 -4.12 -33.02
N GLU C 41 -13.58 -4.77 -34.20
CA GLU C 41 -13.95 -4.21 -35.51
C GLU C 41 -15.43 -3.80 -35.55
N ASN C 42 -16.32 -4.71 -35.08
CA ASN C 42 -17.74 -4.45 -34.93
C ASN C 42 -18.11 -4.81 -33.50
N PRO C 43 -17.96 -3.85 -32.54
CA PRO C 43 -18.21 -4.18 -31.12
C PRO C 43 -19.59 -4.78 -30.85
N ARG C 44 -19.61 -5.92 -30.16
CA ARG C 44 -20.79 -6.69 -29.80
C ARG C 44 -20.46 -7.59 -28.63
N TYR C 45 -21.47 -7.93 -27.81
CA TYR C 45 -21.27 -8.94 -26.78
C TYR C 45 -21.18 -10.26 -27.53
N GLU C 46 -20.24 -11.12 -27.15
CA GLU C 46 -20.02 -12.42 -27.79
C GLU C 46 -20.07 -13.53 -26.76
N PRO C 47 -20.57 -14.74 -27.13
CA PRO C 47 -20.53 -15.88 -26.18
C PRO C 47 -19.09 -16.35 -25.92
N ARG C 48 -18.80 -16.67 -24.67
CA ARG C 48 -17.47 -17.10 -24.27
C ARG C 48 -17.51 -18.50 -23.65
N ALA C 49 -18.71 -19.03 -23.48
CA ALA C 49 -18.97 -20.38 -22.98
C ALA C 49 -19.82 -21.07 -24.05
N PRO C 50 -19.58 -22.38 -24.33
CA PRO C 50 -20.33 -23.06 -25.41
C PRO C 50 -21.84 -23.04 -25.26
N TRP C 51 -22.34 -23.16 -24.02
CA TRP C 51 -23.76 -23.17 -23.67
C TRP C 51 -24.49 -21.83 -23.90
N MET C 52 -23.74 -20.74 -24.20
CA MET C 52 -24.32 -19.43 -24.47
C MET C 52 -24.67 -19.29 -25.96
N GLU C 53 -24.17 -20.22 -26.82
CA GLU C 53 -24.44 -20.19 -28.26
C GLU C 53 -25.92 -20.34 -28.53
N GLN C 54 -26.67 -20.96 -27.61
CA GLN C 54 -28.11 -21.13 -27.71
C GLN C 54 -28.93 -19.84 -27.56
N GLU C 55 -28.30 -18.72 -27.10
CA GLU C 55 -29.02 -17.45 -27.02
C GLU C 55 -29.17 -16.91 -28.43
N GLY C 56 -30.38 -16.51 -28.79
CA GLY C 56 -30.67 -16.00 -30.13
C GLY C 56 -30.12 -14.62 -30.44
N PRO C 57 -30.15 -14.18 -31.74
CA PRO C 57 -29.61 -12.86 -32.10
C PRO C 57 -30.20 -11.66 -31.33
N GLU C 58 -31.46 -11.79 -30.85
CA GLU C 58 -32.11 -10.70 -30.08
C GLU C 58 -31.45 -10.46 -28.72
N TYR C 59 -31.01 -11.54 -28.05
CA TYR C 59 -30.27 -11.46 -26.78
C TYR C 59 -29.00 -10.65 -27.01
N TRP C 60 -28.20 -11.04 -28.01
CA TRP C 60 -26.94 -10.39 -28.34
C TRP C 60 -27.11 -8.94 -28.72
N GLU C 61 -28.17 -8.63 -29.47
CA GLU C 61 -28.47 -7.28 -29.88
C GLU C 61 -28.84 -6.41 -28.63
N ARG C 62 -29.67 -6.96 -27.72
CA ARG C 62 -30.12 -6.25 -26.52
C ARG C 62 -28.94 -5.96 -25.59
N GLU C 63 -28.06 -6.97 -25.37
CA GLU C 63 -26.86 -6.82 -24.56
C GLU C 63 -25.89 -5.80 -25.17
N THR C 64 -25.72 -5.84 -26.50
CA THR C 64 -24.84 -4.92 -27.22
C THR C 64 -25.34 -3.47 -27.06
N GLN C 65 -26.67 -3.25 -27.17
CA GLN C 65 -27.26 -1.92 -26.99
C GLN C 65 -27.02 -1.41 -25.56
N LYS C 66 -27.11 -2.30 -24.55
CA LYS C 66 -26.79 -1.94 -23.16
C LYS C 66 -25.32 -1.50 -23.04
N ALA C 67 -24.38 -2.24 -23.70
CA ALA C 67 -22.96 -1.88 -23.72
C ALA C 67 -22.71 -0.50 -24.34
N LYS C 68 -23.51 -0.12 -25.36
CA LYS C 68 -23.37 1.21 -25.97
C LYS C 68 -23.76 2.29 -24.95
N GLY C 69 -24.78 2.01 -24.13
CA GLY C 69 -25.19 2.89 -23.05
C GLY C 69 -24.10 2.97 -21.96
N GLN C 70 -23.51 1.83 -21.62
CA GLN C 70 -22.43 1.75 -20.62
C GLN C 70 -21.19 2.50 -21.04
N GLU C 71 -20.85 2.49 -22.35
CA GLU C 71 -19.70 3.25 -22.86
C GLU C 71 -19.89 4.72 -22.53
N GLN C 72 -21.14 5.24 -22.68
CA GLN C 72 -21.53 6.63 -22.37
C GLN C 72 -21.50 6.88 -20.83
N TRP C 73 -21.98 5.90 -20.05
CA TRP C 73 -21.97 5.99 -18.59
C TRP C 73 -20.52 6.13 -18.11
N PHE C 74 -19.62 5.24 -18.59
CA PHE C 74 -18.18 5.30 -18.25
C PHE C 74 -17.49 6.55 -18.76
N ARG C 75 -17.83 7.04 -19.98
CA ARG C 75 -17.23 8.25 -20.53
C ARG C 75 -17.53 9.44 -19.61
N VAL C 76 -18.81 9.61 -19.23
CA VAL C 76 -19.23 10.70 -18.33
C VAL C 76 -18.62 10.54 -16.93
N SER C 77 -18.65 9.29 -16.38
CA SER C 77 -18.10 9.06 -15.04
C SER C 77 -16.58 9.34 -14.98
N LEU C 78 -15.83 8.95 -16.02
CA LEU C 78 -14.38 9.21 -16.11
C LEU C 78 -14.10 10.73 -16.14
N ARG C 79 -14.88 11.47 -16.96
CA ARG C 79 -14.76 12.92 -17.07
C ARG C 79 -15.04 13.58 -15.72
N ASN C 80 -16.08 13.13 -15.00
CA ASN C 80 -16.37 13.70 -13.69
C ASN C 80 -15.24 13.44 -12.68
N LEU C 81 -14.73 12.19 -12.63
CA LEU C 81 -13.64 11.81 -11.72
C LEU C 81 -12.34 12.59 -12.02
N LEU C 82 -12.07 12.88 -13.31
CA LEU C 82 -10.92 13.67 -13.72
C LEU C 82 -10.93 15.05 -13.03
N GLY C 83 -12.12 15.64 -12.92
CA GLY C 83 -12.33 16.91 -12.25
C GLY C 83 -12.21 16.81 -10.75
N TYR C 84 -12.82 15.75 -10.14
CA TYR C 84 -12.75 15.53 -8.70
C TYR C 84 -11.32 15.41 -8.20
N TYR C 85 -10.45 14.75 -8.98
CA TYR C 85 -9.07 14.50 -8.58
C TYR C 85 -8.07 15.49 -9.21
N ASN C 86 -8.57 16.52 -9.95
CA ASN C 86 -7.71 17.54 -10.58
C ASN C 86 -6.62 16.91 -11.46
N GLN C 87 -7.03 15.99 -12.34
CA GLN C 87 -6.13 15.25 -13.20
C GLN C 87 -6.15 15.77 -14.63
N SER C 88 -5.22 15.29 -15.44
CA SER C 88 -5.10 15.70 -16.85
C SER C 88 -5.56 14.56 -17.75
N ALA C 89 -6.32 14.89 -18.80
CA ALA C 89 -6.77 13.91 -19.79
C ALA C 89 -5.61 13.55 -20.74
N GLY C 90 -4.45 14.20 -20.53
CA GLY C 90 -3.21 13.90 -21.25
C GLY C 90 -2.66 12.54 -20.84
N GLY C 91 -3.15 12.03 -19.70
CA GLY C 91 -2.79 10.71 -19.21
C GLY C 91 -4.01 9.81 -19.25
N SER C 92 -3.78 8.51 -19.31
CA SER C 92 -4.86 7.52 -19.29
C SER C 92 -5.30 7.27 -17.83
N HIS C 93 -6.60 7.08 -17.63
CA HIS C 93 -7.18 6.82 -16.31
C HIS C 93 -8.07 5.61 -16.42
N THR C 94 -8.26 4.88 -15.32
N THR C 94 -8.26 4.88 -15.32
CA THR C 94 -9.08 3.66 -15.36
CA THR C 94 -9.01 3.62 -15.33
C THR C 94 -10.20 3.67 -14.36
C THR C 94 -10.16 3.58 -14.33
N LEU C 95 -11.36 3.23 -14.80
CA LEU C 95 -12.52 3.06 -13.95
C LEU C 95 -12.91 1.59 -14.07
N GLN C 96 -13.13 0.94 -12.92
CA GLN C 96 -13.56 -0.46 -12.91
C GLN C 96 -14.75 -0.64 -12.04
N GLN C 97 -15.54 -1.67 -12.37
CA GLN C 97 -16.74 -2.03 -11.62
C GLN C 97 -16.90 -3.54 -11.58
N MET C 98 -17.38 -4.02 -10.43
CA MET C 98 -17.79 -5.39 -10.26
C MET C 98 -19.20 -5.33 -9.69
N SER C 99 -20.14 -6.07 -10.29
N SER C 99 -20.14 -6.07 -10.29
CA SER C 99 -21.53 -6.17 -9.85
CA SER C 99 -21.52 -6.17 -9.84
C SER C 99 -22.11 -7.53 -10.19
C SER C 99 -22.10 -7.54 -10.18
N GLY C 100 -23.07 -7.97 -9.39
CA GLY C 100 -23.73 -9.25 -9.59
C GLY C 100 -24.37 -9.79 -8.33
N CYS C 101 -24.62 -11.09 -8.32
CA CYS C 101 -25.30 -11.71 -7.21
C CYS C 101 -24.73 -13.08 -6.90
N ASP C 102 -24.89 -13.49 -5.64
CA ASP C 102 -24.46 -14.79 -5.15
C ASP C 102 -25.70 -15.55 -4.71
N LEU C 103 -25.72 -16.85 -4.99
CA LEU C 103 -26.83 -17.75 -4.62
C LEU C 103 -26.28 -18.93 -3.82
N GLY C 104 -27.10 -19.49 -2.94
CA GLY C 104 -26.73 -20.71 -2.24
C GLY C 104 -26.90 -21.93 -3.13
N SER C 105 -26.73 -23.14 -2.56
CA SER C 105 -26.89 -24.41 -3.27
C SER C 105 -28.35 -24.64 -3.75
N ASP C 106 -29.33 -24.03 -3.05
CA ASP C 106 -30.76 -24.11 -3.39
C ASP C 106 -31.19 -23.04 -4.41
N TRP C 107 -30.21 -22.22 -4.87
CA TRP C 107 -30.40 -21.12 -5.83
C TRP C 107 -31.07 -19.84 -5.30
N ARG C 108 -31.30 -19.73 -3.98
N ARG C 108 -31.30 -19.73 -3.98
CA ARG C 108 -31.88 -18.49 -3.42
CA ARG C 108 -31.88 -18.49 -3.43
C ARG C 108 -30.76 -17.46 -3.27
C ARG C 108 -30.76 -17.46 -3.26
N LEU C 109 -31.11 -16.17 -3.40
CA LEU C 109 -30.18 -15.06 -3.25
C LEU C 109 -29.51 -15.06 -1.86
N LEU C 110 -28.18 -14.96 -1.82
CA LEU C 110 -27.42 -14.86 -0.58
C LEU C 110 -27.10 -13.38 -0.40
N ARG C 111 -26.59 -12.73 -1.50
CA ARG C 111 -26.29 -11.30 -1.51
C ARG C 111 -26.18 -10.72 -2.91
N GLY C 112 -26.41 -9.41 -2.98
CA GLY C 112 -26.17 -8.60 -4.15
C GLY C 112 -24.75 -8.07 -3.97
N TYR C 113 -24.13 -7.57 -5.03
CA TYR C 113 -22.75 -7.11 -4.91
C TYR C 113 -22.52 -5.97 -5.86
N LEU C 114 -21.92 -4.87 -5.37
CA LEU C 114 -21.62 -3.73 -6.22
C LEU C 114 -20.46 -2.91 -5.67
N GLN C 115 -19.38 -2.82 -6.47
CA GLN C 115 -18.26 -1.95 -6.13
C GLN C 115 -17.54 -1.36 -7.31
N PHE C 116 -16.89 -0.22 -7.03
CA PHE C 116 -16.20 0.55 -8.04
C PHE C 116 -14.79 0.89 -7.58
N ALA C 117 -13.86 0.94 -8.54
CA ALA C 117 -12.49 1.35 -8.31
C ALA C 117 -12.10 2.37 -9.33
N TYR C 118 -11.29 3.33 -8.89
CA TYR C 118 -10.70 4.35 -9.76
C TYR C 118 -9.18 4.26 -9.59
N GLU C 119 -8.42 4.17 -10.71
CA GLU C 119 -6.95 4.02 -10.72
C GLU C 119 -6.50 2.79 -9.92
N GLY C 120 -7.32 1.75 -9.96
CA GLY C 120 -7.02 0.49 -9.26
C GLY C 120 -7.19 0.50 -7.75
N ARG C 121 -7.86 1.53 -7.21
CA ARG C 121 -8.10 1.68 -5.78
C ARG C 121 -9.57 1.78 -5.51
N ASP C 122 -10.03 1.24 -4.35
CA ASP C 122 -11.45 1.34 -3.98
C ASP C 122 -11.94 2.79 -4.10
N TYR C 123 -13.10 3.00 -4.71
CA TYR C 123 -13.69 4.33 -4.87
C TYR C 123 -15.01 4.42 -4.08
N ILE C 124 -15.97 3.58 -4.45
CA ILE C 124 -17.27 3.52 -3.79
C ILE C 124 -17.83 2.09 -3.90
N ALA C 125 -18.50 1.66 -2.85
CA ALA C 125 -19.11 0.34 -2.78
C ALA C 125 -20.49 0.45 -2.18
N LEU C 126 -21.39 -0.41 -2.63
CA LEU C 126 -22.73 -0.55 -2.08
C LEU C 126 -22.58 -1.53 -0.94
N ASN C 127 -23.13 -1.19 0.24
CA ASN C 127 -23.07 -2.09 1.40
C ASN C 127 -23.97 -3.32 1.16
N GLU C 128 -23.72 -4.43 1.90
CA GLU C 128 -24.51 -5.67 1.77
C GLU C 128 -26.03 -5.46 1.91
N ASP C 129 -26.45 -4.39 2.64
CA ASP C 129 -27.86 -4.02 2.81
C ASP C 129 -28.52 -3.62 1.48
N LEU C 130 -27.70 -3.27 0.46
CA LEU C 130 -28.12 -2.78 -0.86
C LEU C 130 -28.94 -1.49 -0.75
N LYS C 131 -28.68 -0.73 0.33
CA LYS C 131 -29.36 0.53 0.63
C LYS C 131 -28.38 1.68 0.91
N THR C 132 -27.23 1.38 1.55
CA THR C 132 -26.25 2.40 1.90
C THR C 132 -24.91 2.23 1.19
N TRP C 133 -24.16 3.33 1.08
CA TRP C 133 -22.87 3.39 0.39
C TRP C 133 -21.69 3.66 1.31
N THR C 134 -20.50 3.13 0.93
CA THR C 134 -19.23 3.40 1.56
C THR C 134 -18.32 4.08 0.53
N ALA C 135 -18.00 5.36 0.76
CA ALA C 135 -17.11 6.18 -0.06
C ALA C 135 -15.69 5.96 0.51
N ALA C 136 -14.69 5.68 -0.35
CA ALA C 136 -13.32 5.40 0.09
C ALA C 136 -12.50 6.62 0.55
N ASP C 137 -12.83 7.81 0.02
CA ASP C 137 -12.11 9.04 0.29
C ASP C 137 -13.03 10.25 0.15
N MET C 138 -12.44 11.46 0.26
CA MET C 138 -13.17 12.73 0.20
C MET C 138 -13.82 12.93 -1.19
N ALA C 139 -13.09 12.63 -2.27
CA ALA C 139 -13.63 12.76 -3.64
C ALA C 139 -14.86 11.86 -3.87
N ALA C 140 -14.82 10.61 -3.36
CA ALA C 140 -15.92 9.65 -3.52
C ALA C 140 -17.17 10.11 -2.80
N GLN C 141 -16.99 10.99 -1.80
CA GLN C 141 -18.11 11.56 -1.03
C GLN C 141 -19.02 12.36 -1.98
N ILE C 142 -18.46 13.00 -3.02
CA ILE C 142 -19.23 13.73 -4.05
C ILE C 142 -20.20 12.75 -4.73
N THR C 143 -19.69 11.58 -5.18
CA THR C 143 -20.53 10.54 -5.81
C THR C 143 -21.58 9.97 -4.83
N ARG C 144 -21.15 9.59 -3.61
N ARG C 144 -21.14 9.62 -3.61
CA ARG C 144 -22.07 9.07 -2.60
CA ARG C 144 -22.03 9.07 -2.59
C ARG C 144 -23.25 10.02 -2.38
C ARG C 144 -23.23 10.00 -2.29
N ARG C 145 -22.96 11.30 -2.10
CA ARG C 145 -24.04 12.27 -1.86
C ARG C 145 -24.97 12.42 -3.06
N LYS C 146 -24.41 12.43 -4.29
CA LYS C 146 -25.20 12.47 -5.54
C LYS C 146 -26.13 11.25 -5.62
N TRP C 147 -25.63 10.08 -5.27
CA TRP C 147 -26.38 8.83 -5.31
C TRP C 147 -27.41 8.67 -4.20
N GLU C 148 -27.11 9.26 -3.02
N GLU C 148 -27.12 9.24 -3.02
CA GLU C 148 -28.02 9.28 -1.87
CA GLU C 148 -28.06 9.24 -1.91
C GLU C 148 -29.25 10.15 -2.25
C GLU C 148 -29.27 10.14 -2.27
N GLN C 149 -29.00 11.29 -2.92
CA GLN C 149 -30.03 12.25 -3.37
C GLN C 149 -30.94 11.68 -4.45
N SER C 150 -30.37 10.97 -5.42
CA SER C 150 -31.15 10.41 -6.52
C SER C 150 -31.77 9.03 -6.21
N GLY C 151 -31.44 8.46 -5.05
CA GLY C 151 -31.90 7.14 -4.64
C GLY C 151 -31.40 6.02 -5.53
N ALA C 152 -30.16 6.16 -6.05
CA ALA C 152 -29.50 5.19 -6.93
C ALA C 152 -29.48 3.75 -6.39
N ALA C 153 -29.25 3.56 -5.07
CA ALA C 153 -29.20 2.25 -4.42
C ALA C 153 -30.46 1.41 -4.67
N GLU C 154 -31.65 2.05 -4.68
CA GLU C 154 -32.94 1.35 -4.92
C GLU C 154 -33.00 0.71 -6.30
N HIS C 155 -32.45 1.37 -7.33
CA HIS C 155 -32.37 0.86 -8.69
C HIS C 155 -31.39 -0.31 -8.76
N TYR C 156 -30.25 -0.22 -8.04
CA TYR C 156 -29.29 -1.32 -8.02
C TYR C 156 -29.87 -2.52 -7.31
N LYS C 157 -30.53 -2.28 -6.16
CA LYS C 157 -31.17 -3.33 -5.36
C LYS C 157 -32.19 -4.10 -6.25
N ALA C 158 -33.02 -3.38 -7.04
CA ALA C 158 -34.00 -3.97 -7.95
C ALA C 158 -33.34 -4.93 -8.97
N TYR C 159 -32.23 -4.49 -9.60
CA TYR C 159 -31.49 -5.31 -10.53
C TYR C 159 -30.83 -6.52 -9.84
N LEU C 160 -30.05 -6.29 -8.77
CA LEU C 160 -29.29 -7.33 -8.07
C LEU C 160 -30.14 -8.45 -7.50
N GLU C 161 -31.33 -8.10 -6.95
CA GLU C 161 -32.27 -9.07 -6.37
C GLU C 161 -33.26 -9.63 -7.39
N GLY C 162 -33.43 -8.96 -8.51
CA GLY C 162 -34.40 -9.35 -9.53
C GLY C 162 -33.79 -9.97 -10.77
N GLU C 163 -33.55 -9.14 -11.79
CA GLU C 163 -32.98 -9.56 -13.07
C GLU C 163 -31.70 -10.39 -12.91
N CYS C 164 -30.81 -9.97 -12.01
CA CYS C 164 -29.55 -10.70 -11.81
C CYS C 164 -29.83 -12.16 -11.41
N VAL C 165 -30.71 -12.37 -10.43
CA VAL C 165 -31.11 -13.68 -9.92
C VAL C 165 -31.82 -14.49 -11.04
N GLU C 166 -32.82 -13.90 -11.73
CA GLU C 166 -33.57 -14.60 -12.79
C GLU C 166 -32.68 -15.03 -13.95
N TRP C 167 -31.79 -14.14 -14.43
CA TRP C 167 -30.88 -14.51 -15.52
C TRP C 167 -29.88 -15.57 -15.11
N LEU C 168 -29.31 -15.47 -13.90
CA LEU C 168 -28.37 -16.48 -13.37
C LEU C 168 -29.08 -17.86 -13.31
N HIS C 169 -30.37 -17.91 -12.90
CA HIS C 169 -31.14 -19.16 -12.89
C HIS C 169 -31.18 -19.77 -14.31
N ARG C 170 -31.44 -18.94 -15.33
CA ARG C 170 -31.45 -19.37 -16.73
C ARG C 170 -30.07 -19.91 -17.16
N TYR C 171 -28.99 -19.18 -16.80
CA TYR C 171 -27.62 -19.56 -17.18
C TYR C 171 -27.20 -20.86 -16.51
N LEU C 172 -27.54 -21.02 -15.21
CA LEU C 172 -27.21 -22.23 -14.46
C LEU C 172 -27.89 -23.48 -15.06
N LYS C 173 -29.16 -23.33 -15.48
CA LYS C 173 -29.91 -24.40 -16.14
C LYS C 173 -29.27 -24.71 -17.51
N ASN C 174 -29.07 -23.69 -18.36
CA ASN C 174 -28.48 -23.85 -19.68
C ASN C 174 -27.05 -24.38 -19.69
N GLY C 175 -26.24 -23.96 -18.72
CA GLY C 175 -24.85 -24.38 -18.60
C GLY C 175 -24.59 -25.53 -17.63
N ASN C 176 -25.69 -26.18 -17.15
CA ASN C 176 -25.73 -27.29 -16.17
C ASN C 176 -24.63 -28.35 -16.20
N ALA C 177 -24.29 -28.87 -17.38
CA ALA C 177 -23.24 -29.89 -17.52
C ALA C 177 -21.82 -29.31 -17.34
N THR C 178 -21.55 -28.15 -17.99
CA THR C 178 -20.27 -27.45 -17.94
C THR C 178 -19.96 -26.97 -16.51
N LEU C 179 -20.93 -26.24 -15.92
CA LEU C 179 -20.85 -25.60 -14.62
C LEU C 179 -20.54 -26.54 -13.45
N LEU C 180 -21.14 -27.74 -13.45
CA LEU C 180 -20.96 -28.70 -12.36
C LEU C 180 -19.65 -29.47 -12.40
N ARG C 181 -19.03 -29.49 -13.57
CA ARG C 181 -17.82 -30.26 -13.79
C ARG C 181 -16.60 -29.83 -12.97
N THR C 182 -15.88 -30.84 -12.45
CA THR C 182 -14.59 -30.69 -11.77
C THR C 182 -13.58 -31.57 -12.48
N ASP C 183 -12.30 -31.22 -12.41
CA ASP C 183 -11.18 -32.00 -12.95
C ASP C 183 -10.26 -32.23 -11.79
N SER C 184 -10.00 -33.49 -11.46
N SER C 184 -9.99 -33.49 -11.49
CA SER C 184 -9.14 -33.85 -10.35
CA SER C 184 -9.12 -33.85 -10.38
C SER C 184 -7.67 -33.59 -10.63
C SER C 184 -7.65 -33.57 -10.65
N PRO C 185 -6.86 -33.16 -9.63
CA PRO C 185 -5.42 -32.96 -9.87
C PRO C 185 -4.75 -34.34 -10.01
N LYS C 186 -3.74 -34.40 -10.87
CA LYS C 186 -2.90 -35.59 -11.02
C LYS C 186 -1.61 -35.15 -10.39
N ALA C 187 -1.18 -35.87 -9.38
CA ALA C 187 0.01 -35.48 -8.65
C ALA C 187 1.14 -36.46 -8.82
N HIS C 188 2.36 -35.95 -8.66
CA HIS C 188 3.61 -36.69 -8.73
C HIS C 188 4.67 -35.89 -7.99
N VAL C 189 5.69 -36.58 -7.50
CA VAL C 189 6.79 -35.95 -6.80
C VAL C 189 8.04 -36.05 -7.66
N THR C 190 8.73 -34.93 -7.83
CA THR C 190 9.99 -34.91 -8.57
C THR C 190 11.06 -34.79 -7.52
N HIS C 191 12.23 -35.33 -7.85
CA HIS C 191 13.39 -35.44 -7.00
C HIS C 191 14.48 -34.62 -7.68
N HIS C 192 14.97 -33.57 -7.00
CA HIS C 192 16.01 -32.70 -7.55
C HIS C 192 17.14 -32.66 -6.55
N PRO C 193 18.13 -33.59 -6.67
CA PRO C 193 19.24 -33.60 -5.71
C PRO C 193 20.01 -32.29 -5.71
N ARG C 194 20.36 -31.84 -4.51
CA ARG C 194 21.10 -30.61 -4.26
C ARG C 194 22.48 -30.97 -3.67
N SER C 195 23.14 -29.96 -3.07
CA SER C 195 24.41 -30.10 -2.37
C SER C 195 24.11 -30.56 -0.93
N LYS C 196 25.18 -30.93 -0.17
CA LYS C 196 25.14 -31.31 1.26
C LYS C 196 24.25 -32.50 1.60
N GLY C 197 24.09 -33.42 0.64
CA GLY C 197 23.27 -34.61 0.77
C GLY C 197 21.79 -34.33 0.92
N GLU C 198 21.36 -33.17 0.41
CA GLU C 198 19.98 -32.68 0.42
C GLU C 198 19.35 -32.90 -0.95
N VAL C 199 18.02 -32.98 -0.99
CA VAL C 199 17.26 -33.16 -2.23
C VAL C 199 15.94 -32.41 -2.13
N THR C 200 15.56 -31.71 -3.23
CA THR C 200 14.29 -31.00 -3.27
C THR C 200 13.24 -31.97 -3.71
N LEU C 201 12.24 -32.18 -2.84
CA LEU C 201 11.11 -33.00 -3.20
C LEU C 201 10.06 -31.98 -3.63
N ARG C 202 9.63 -32.05 -4.88
CA ARG C 202 8.63 -31.13 -5.42
C ARG C 202 7.36 -31.88 -5.69
N CYS C 203 6.29 -31.51 -4.97
CA CYS C 203 5.02 -32.16 -5.20
C CYS C 203 4.22 -31.31 -6.13
N TRP C 204 3.88 -31.89 -7.30
CA TRP C 204 3.13 -31.25 -8.37
C TRP C 204 1.70 -31.69 -8.36
N ALA C 205 0.79 -30.77 -8.68
CA ALA C 205 -0.62 -31.02 -8.85
C ALA C 205 -0.95 -30.40 -10.21
N LEU C 206 -1.38 -31.24 -11.15
CA LEU C 206 -1.65 -30.80 -12.52
C LEU C 206 -3.01 -31.16 -13.03
N GLY C 207 -3.50 -30.34 -13.94
CA GLY C 207 -4.75 -30.54 -14.66
C GLY C 207 -6.00 -30.48 -13.83
N PHE C 208 -6.01 -29.65 -12.77
CA PHE C 208 -7.20 -29.54 -11.90
C PHE C 208 -8.09 -28.36 -12.19
N TYR C 209 -9.39 -28.49 -11.82
CA TYR C 209 -10.42 -27.47 -11.92
C TYR C 209 -11.54 -27.70 -10.86
N PRO C 210 -12.00 -26.68 -10.09
CA PRO C 210 -11.54 -25.27 -10.04
C PRO C 210 -10.12 -25.11 -9.48
N ALA C 211 -9.64 -23.84 -9.46
CA ALA C 211 -8.28 -23.50 -9.03
C ALA C 211 -7.99 -23.76 -7.57
N ASP C 212 -9.01 -23.72 -6.68
CA ASP C 212 -8.85 -23.96 -5.24
C ASP C 212 -8.24 -25.34 -4.98
N ILE C 213 -7.13 -25.38 -4.24
CA ILE C 213 -6.41 -26.61 -3.93
C ILE C 213 -5.50 -26.41 -2.72
N THR C 214 -5.17 -27.51 -2.05
CA THR C 214 -4.23 -27.44 -0.93
C THR C 214 -3.23 -28.53 -1.09
N LEU C 215 -1.94 -28.16 -0.99
CA LEU C 215 -0.83 -29.11 -1.02
C LEU C 215 -0.12 -29.03 0.33
N THR C 216 0.17 -30.18 0.93
CA THR C 216 0.87 -30.20 2.22
C THR C 216 2.00 -31.22 2.20
N TRP C 217 3.06 -30.94 2.96
CA TRP C 217 4.20 -31.84 3.14
C TRP C 217 4.26 -32.21 4.63
N GLN C 218 4.32 -33.51 4.93
CA GLN C 218 4.35 -34.02 6.30
C GLN C 218 5.47 -35.02 6.59
N LEU C 219 6.20 -34.78 7.69
CA LEU C 219 7.28 -35.65 8.20
C LEU C 219 6.74 -36.38 9.45
N ASN C 220 6.52 -37.72 9.28
CA ASN C 220 5.98 -38.68 10.26
C ASN C 220 4.45 -38.63 10.40
N GLY C 221 3.88 -37.43 10.22
CA GLY C 221 2.46 -37.15 10.32
C GLY C 221 2.17 -35.73 10.75
N GLU C 222 3.23 -34.89 10.83
CA GLU C 222 3.18 -33.48 11.23
C GLU C 222 3.45 -32.55 10.03
N GLU C 223 2.51 -31.61 9.76
CA GLU C 223 2.62 -30.65 8.66
C GLU C 223 3.76 -29.64 8.90
N LEU C 224 4.41 -29.20 7.81
CA LEU C 224 5.54 -28.27 7.89
C LEU C 224 5.16 -26.86 7.47
N THR C 225 5.08 -25.93 8.45
CA THR C 225 4.73 -24.51 8.27
C THR C 225 5.74 -23.74 7.42
N GLN C 226 6.95 -23.47 7.95
CA GLN C 226 8.02 -22.78 7.22
C GLN C 226 8.90 -23.79 6.51
N ASP C 227 9.98 -23.31 5.86
CA ASP C 227 10.95 -24.08 5.06
C ASP C 227 10.34 -24.83 3.85
N MET C 228 9.01 -24.63 3.63
CA MET C 228 8.24 -25.19 2.53
C MET C 228 7.92 -24.10 1.52
N GLU C 229 8.45 -24.22 0.29
CA GLU C 229 8.17 -23.23 -0.74
C GLU C 229 7.09 -23.65 -1.74
N LEU C 230 6.39 -22.68 -2.29
CA LEU C 230 5.32 -22.96 -3.22
C LEU C 230 5.25 -21.93 -4.34
N VAL C 231 4.41 -22.22 -5.32
CA VAL C 231 4.13 -21.26 -6.38
C VAL C 231 2.67 -20.90 -6.28
N GLU C 232 2.30 -19.72 -6.79
CA GLU C 232 0.90 -19.32 -6.93
C GLU C 232 0.27 -20.22 -7.99
N THR C 233 -1.00 -20.58 -7.78
CA THR C 233 -1.80 -21.42 -8.69
C THR C 233 -1.85 -20.74 -10.05
N ARG C 234 -1.53 -21.50 -11.09
CA ARG C 234 -1.40 -20.95 -12.42
C ARG C 234 -2.19 -21.71 -13.49
N PRO C 235 -2.72 -20.99 -14.51
CA PRO C 235 -3.50 -21.67 -15.55
C PRO C 235 -2.60 -22.42 -16.52
N ALA C 236 -2.99 -23.66 -16.87
CA ALA C 236 -2.24 -24.45 -17.86
C ALA C 236 -2.52 -23.87 -19.29
N GLY C 237 -3.64 -23.17 -19.43
CA GLY C 237 -4.11 -22.57 -20.67
C GLY C 237 -5.16 -23.39 -21.40
N ASP C 238 -5.53 -24.55 -20.84
CA ASP C 238 -6.55 -25.44 -21.44
C ASP C 238 -7.83 -25.49 -20.55
N GLY C 239 -7.95 -24.54 -19.62
CA GLY C 239 -9.05 -24.47 -18.68
C GLY C 239 -8.69 -25.06 -17.32
N THR C 240 -7.56 -25.81 -17.25
CA THR C 240 -7.13 -26.41 -15.98
C THR C 240 -6.01 -25.57 -15.32
N PHE C 241 -5.69 -25.94 -14.07
CA PHE C 241 -4.68 -25.27 -13.26
C PHE C 241 -3.56 -26.17 -12.80
N GLN C 242 -2.48 -25.55 -12.32
CA GLN C 242 -1.29 -26.21 -11.83
C GLN C 242 -0.84 -25.55 -10.56
N LYS C 243 -0.13 -26.30 -9.73
CA LYS C 243 0.49 -25.79 -8.51
C LYS C 243 1.52 -26.80 -8.05
N TRP C 244 2.56 -26.32 -7.38
CA TRP C 244 3.56 -27.18 -6.75
C TRP C 244 3.96 -26.67 -5.38
N ALA C 245 4.39 -27.58 -4.51
CA ALA C 245 4.87 -27.26 -3.17
C ALA C 245 6.12 -28.10 -2.97
N SER C 246 7.19 -27.51 -2.47
CA SER C 246 8.43 -28.22 -2.30
C SER C 246 9.05 -28.05 -0.91
N VAL C 247 9.89 -29.04 -0.52
CA VAL C 247 10.61 -29.06 0.76
C VAL C 247 12.05 -29.57 0.55
N VAL C 248 12.94 -29.17 1.47
CA VAL C 248 14.35 -29.60 1.51
C VAL C 248 14.46 -30.81 2.47
N VAL C 249 14.91 -31.96 1.95
CA VAL C 249 15.01 -33.18 2.74
C VAL C 249 16.38 -33.86 2.58
N PRO C 250 16.92 -34.56 3.62
CA PRO C 250 18.21 -35.27 3.45
C PRO C 250 18.05 -36.49 2.53
N LEU C 251 19.14 -36.88 1.85
CA LEU C 251 19.13 -38.07 0.99
C LEU C 251 18.98 -39.32 1.87
N GLY C 252 18.20 -40.28 1.39
CA GLY C 252 17.87 -41.50 2.13
C GLY C 252 16.58 -41.35 2.94
N LYS C 253 16.14 -40.09 3.20
CA LYS C 253 14.94 -39.76 3.99
C LYS C 253 13.63 -39.67 3.20
N GLU C 254 13.69 -39.51 1.86
CA GLU C 254 12.54 -39.42 0.93
C GLU C 254 11.21 -40.03 1.41
N GLN C 255 11.23 -41.33 1.84
CA GLN C 255 10.03 -42.05 2.30
C GLN C 255 9.44 -41.63 3.69
N ASN C 256 10.18 -40.78 4.46
CA ASN C 256 9.72 -40.22 5.74
C ASN C 256 8.77 -39.05 5.48
N TYR C 257 8.85 -38.50 4.26
CA TYR C 257 8.08 -37.35 3.83
C TYR C 257 7.00 -37.75 2.84
N THR C 258 5.80 -37.27 3.11
CA THR C 258 4.66 -37.52 2.27
C THR C 258 3.96 -36.21 1.96
N CYS C 259 3.43 -36.15 0.75
CA CYS C 259 2.69 -34.99 0.30
C CYS C 259 1.23 -35.35 0.21
N ARG C 260 0.38 -34.40 0.57
CA ARG C 260 -1.06 -34.59 0.49
C ARG C 260 -1.66 -33.51 -0.36
N VAL C 261 -2.61 -33.91 -1.20
CA VAL C 261 -3.32 -33.03 -2.11
C VAL C 261 -4.80 -33.05 -1.79
N TYR C 262 -5.37 -31.88 -1.49
CA TYR C 262 -6.78 -31.72 -1.17
C TYR C 262 -7.44 -30.92 -2.25
N HIS C 263 -8.44 -31.52 -2.89
CA HIS C 263 -9.20 -30.88 -3.95
C HIS C 263 -10.62 -31.44 -3.97
N GLU C 264 -11.64 -30.57 -4.15
CA GLU C 264 -13.06 -30.93 -4.23
C GLU C 264 -13.40 -31.96 -5.35
N GLY C 265 -12.58 -32.02 -6.40
CA GLY C 265 -12.77 -32.97 -7.49
C GLY C 265 -12.32 -34.39 -7.16
N LEU C 266 -11.49 -34.57 -6.12
CA LEU C 266 -10.95 -35.88 -5.71
C LEU C 266 -11.95 -36.80 -4.99
N PRO C 267 -12.00 -38.11 -5.37
CA PRO C 267 -12.83 -39.07 -4.63
C PRO C 267 -12.40 -39.19 -3.16
N GLU C 268 -11.11 -38.85 -2.86
CA GLU C 268 -10.48 -38.81 -1.54
C GLU C 268 -9.15 -38.05 -1.66
N PRO C 269 -8.61 -37.41 -0.58
CA PRO C 269 -7.32 -36.70 -0.73
C PRO C 269 -6.17 -37.59 -1.16
N LEU C 270 -5.24 -37.07 -1.97
CA LEU C 270 -4.10 -37.85 -2.43
C LEU C 270 -3.01 -37.92 -1.40
N THR C 271 -2.30 -39.05 -1.35
CA THR C 271 -1.17 -39.25 -0.45
C THR C 271 -0.06 -39.84 -1.30
N LEU C 272 1.09 -39.16 -1.33
CA LEU C 272 2.23 -39.58 -2.13
C LEU C 272 3.60 -39.21 -1.58
N ARG C 273 4.61 -39.92 -2.09
CA ARG C 273 6.02 -39.72 -1.73
C ARG C 273 6.87 -39.95 -3.00
N TRP C 274 8.19 -39.73 -2.92
CA TRP C 274 9.11 -39.97 -4.04
C TRP C 274 9.14 -41.47 -4.40
N GLU C 275 8.95 -41.80 -5.70
CA GLU C 275 8.95 -43.19 -6.18
C GLU C 275 10.22 -43.46 -6.99
N PRO C 276 11.30 -44.03 -6.36
CA PRO C 276 12.54 -44.28 -7.12
C PRO C 276 12.48 -45.58 -7.93
N PRO C 277 12.73 -45.59 -9.28
CA PRO C 277 12.67 -46.87 -10.02
C PRO C 277 13.84 -47.81 -9.72
N GLN D 2 0.33 2.35 -8.90
CA GLN D 2 1.25 1.49 -9.65
C GLN D 2 1.50 0.15 -8.94
N LYS D 3 0.94 -0.94 -9.51
CA LYS D 3 1.11 -2.30 -8.97
C LYS D 3 2.08 -3.08 -9.84
N THR D 4 3.15 -3.66 -9.21
CA THR D 4 4.23 -4.44 -9.87
C THR D 4 3.83 -5.84 -10.37
N PRO D 5 4.01 -6.13 -11.67
CA PRO D 5 3.62 -7.46 -12.15
C PRO D 5 4.43 -8.61 -11.56
N GLN D 6 3.71 -9.67 -11.25
CA GLN D 6 4.28 -10.94 -10.81
C GLN D 6 4.27 -11.83 -12.07
N ILE D 7 5.33 -12.62 -12.29
CA ILE D 7 5.48 -13.43 -13.50
C ILE D 7 5.81 -14.88 -13.19
N GLN D 8 5.22 -15.77 -13.95
CA GLN D 8 5.59 -17.22 -13.94
C GLN D 8 5.74 -17.67 -15.40
N VAL D 9 6.82 -18.40 -15.70
CA VAL D 9 7.09 -18.99 -17.02
C VAL D 9 7.15 -20.52 -16.83
N TYR D 10 6.29 -21.24 -17.57
CA TYR D 10 6.12 -22.68 -17.38
C TYR D 10 5.42 -23.34 -18.55
N SER D 11 5.56 -24.67 -18.69
CA SER D 11 4.91 -25.38 -19.79
C SER D 11 3.50 -25.87 -19.40
N ARG D 12 2.61 -25.98 -20.39
CA ARG D 12 1.25 -26.49 -20.21
C ARG D 12 1.31 -27.95 -19.75
N HIS D 13 2.17 -28.77 -20.40
CA HIS D 13 2.35 -30.19 -20.08
C HIS D 13 3.74 -30.44 -19.52
N PRO D 14 3.98 -31.53 -18.72
CA PRO D 14 5.35 -31.79 -18.22
C PRO D 14 6.29 -31.90 -19.44
N PRO D 15 7.44 -31.22 -19.42
CA PRO D 15 8.26 -31.19 -20.64
C PRO D 15 9.04 -32.46 -20.91
N GLU D 16 9.12 -32.80 -22.19
CA GLU D 16 9.90 -33.93 -22.71
C GLU D 16 10.60 -33.43 -23.96
N ASN D 17 11.93 -33.54 -24.03
CA ASN D 17 12.68 -33.08 -25.20
C ASN D 17 12.19 -33.72 -26.49
N GLY D 18 11.95 -32.88 -27.49
CA GLY D 18 11.44 -33.34 -28.78
C GLY D 18 9.93 -33.52 -28.87
N LYS D 19 9.20 -33.24 -27.76
CA LYS D 19 7.74 -33.36 -27.74
C LYS D 19 7.05 -31.98 -27.79
N PRO D 20 6.21 -31.71 -28.84
CA PRO D 20 5.51 -30.41 -28.91
C PRO D 20 4.70 -30.10 -27.65
N ASN D 21 4.82 -28.86 -27.18
CA ASN D 21 4.21 -28.39 -25.94
C ASN D 21 3.79 -26.91 -26.15
N ILE D 22 3.31 -26.30 -25.07
CA ILE D 22 2.90 -24.90 -25.03
C ILE D 22 3.66 -24.25 -23.89
N LEU D 23 4.34 -23.13 -24.19
CA LEU D 23 5.04 -22.39 -23.16
C LEU D 23 4.18 -21.20 -22.73
N ASN D 24 3.97 -21.07 -21.42
CA ASN D 24 3.15 -20.01 -20.83
C ASN D 24 3.96 -18.93 -20.15
N CYS D 25 3.45 -17.71 -20.25
CA CYS D 25 3.95 -16.60 -19.46
C CYS D 25 2.73 -15.95 -18.82
N TYR D 26 2.58 -16.20 -17.52
CA TYR D 26 1.44 -15.76 -16.74
C TYR D 26 1.82 -14.51 -15.95
N VAL D 27 1.20 -13.37 -16.29
CA VAL D 27 1.54 -12.08 -15.67
C VAL D 27 0.32 -11.57 -14.88
N THR D 28 0.51 -11.30 -13.60
CA THR D 28 -0.60 -10.93 -12.72
C THR D 28 -0.24 -9.75 -11.82
N GLN D 29 -1.25 -9.30 -11.04
CA GLN D 29 -1.11 -8.28 -9.99
C GLN D 29 -0.58 -6.94 -10.49
N PHE D 30 -0.91 -6.53 -11.72
CA PHE D 30 -0.39 -5.26 -12.21
C PHE D 30 -1.51 -4.22 -12.45
N HIS D 31 -1.13 -2.95 -12.40
CA HIS D 31 -2.03 -1.81 -12.62
C HIS D 31 -1.16 -0.61 -12.96
N PRO D 32 -1.39 0.15 -14.04
CA PRO D 32 -2.52 0.14 -14.98
C PRO D 32 -2.50 -1.05 -15.96
N PRO D 33 -3.60 -1.27 -16.72
CA PRO D 33 -3.65 -2.44 -17.59
C PRO D 33 -2.69 -2.46 -18.78
N HIS D 34 -2.15 -1.30 -19.21
CA HIS D 34 -1.20 -1.27 -20.32
C HIS D 34 0.09 -2.02 -19.93
N ILE D 35 0.47 -3.02 -20.74
CA ILE D 35 1.66 -3.83 -20.47
C ILE D 35 2.26 -4.32 -21.79
N GLU D 36 3.57 -4.56 -21.78
CA GLU D 36 4.25 -5.08 -22.95
C GLU D 36 4.89 -6.39 -22.52
N ILE D 37 4.45 -7.49 -23.14
CA ILE D 37 4.94 -8.83 -22.82
C ILE D 37 5.59 -9.44 -24.06
N GLN D 38 6.85 -9.90 -23.91
CA GLN D 38 7.58 -10.53 -25.00
C GLN D 38 8.00 -11.91 -24.56
N MET D 39 7.92 -12.89 -25.46
CA MET D 39 8.44 -14.23 -25.18
C MET D 39 9.67 -14.39 -26.05
N LEU D 40 10.72 -14.92 -25.43
CA LEU D 40 12.04 -15.03 -26.02
C LEU D 40 12.55 -16.47 -26.14
N LYS D 41 13.12 -16.80 -27.29
CA LYS D 41 13.79 -18.10 -27.56
C LYS D 41 15.24 -17.76 -27.87
N ASN D 42 16.17 -18.26 -27.03
CA ASN D 42 17.61 -18.01 -27.16
C ASN D 42 17.92 -16.49 -27.25
N GLY D 43 17.25 -15.69 -26.41
CA GLY D 43 17.41 -14.24 -26.37
C GLY D 43 16.75 -13.47 -27.51
N LYS D 44 16.05 -14.17 -28.43
CA LYS D 44 15.38 -13.55 -29.59
C LYS D 44 13.88 -13.59 -29.45
N LYS D 45 13.24 -12.45 -29.77
CA LYS D 45 11.79 -12.27 -29.72
C LYS D 45 11.04 -13.34 -30.55
N ILE D 46 10.04 -13.99 -29.95
CA ILE D 46 9.24 -15.00 -30.65
C ILE D 46 8.08 -14.26 -31.32
N PRO D 47 7.99 -14.29 -32.66
CA PRO D 47 6.85 -13.62 -33.34
C PRO D 47 5.53 -14.40 -33.15
N LYS D 48 4.39 -13.71 -33.12
CA LYS D 48 3.10 -14.42 -32.95
C LYS D 48 3.01 -15.36 -31.72
N VAL D 49 2.90 -14.69 -30.59
CA VAL D 49 2.68 -15.15 -29.24
C VAL D 49 1.19 -14.85 -29.04
N GLU D 50 0.44 -15.82 -28.51
CA GLU D 50 -0.99 -15.70 -28.29
C GLU D 50 -1.19 -14.98 -26.95
N MET D 51 -2.08 -13.98 -26.91
CA MET D 51 -2.36 -13.23 -25.68
C MET D 51 -3.80 -13.45 -25.31
N SER D 52 -4.08 -13.76 -24.03
CA SER D 52 -5.44 -13.85 -23.55
C SER D 52 -6.01 -12.40 -23.53
N ASP D 53 -7.32 -12.25 -23.50
CA ASP D 53 -7.96 -10.94 -23.46
C ASP D 53 -7.82 -10.39 -22.03
N MET D 54 -7.95 -9.06 -21.87
CA MET D 54 -7.87 -8.27 -20.63
C MET D 54 -8.84 -8.78 -19.57
N SER D 55 -8.30 -9.17 -18.41
CA SER D 55 -9.15 -9.56 -17.31
C SER D 55 -8.56 -8.97 -16.05
N PHE D 56 -9.39 -8.85 -15.02
CA PHE D 56 -8.95 -8.38 -13.71
C PHE D 56 -9.52 -9.21 -12.62
N SER D 57 -8.82 -9.24 -11.48
CA SER D 57 -9.20 -10.01 -10.31
C SER D 57 -9.96 -9.17 -9.35
N LYS D 58 -10.55 -9.80 -8.34
CA LYS D 58 -11.37 -9.19 -7.29
C LYS D 58 -10.62 -8.07 -6.55
N ASP D 59 -9.26 -8.12 -6.48
CA ASP D 59 -8.49 -7.04 -5.85
C ASP D 59 -8.23 -5.85 -6.81
N TRP D 60 -8.86 -5.87 -8.04
CA TRP D 60 -8.80 -4.87 -9.13
C TRP D 60 -7.61 -5.00 -10.05
N SER D 61 -6.58 -5.77 -9.66
CA SER D 61 -5.39 -5.92 -10.49
C SER D 61 -5.67 -6.74 -11.74
N PHE D 62 -4.94 -6.45 -12.80
CA PHE D 62 -5.08 -7.09 -14.09
C PHE D 62 -4.16 -8.32 -14.23
N TYR D 63 -4.55 -9.23 -15.10
CA TYR D 63 -3.76 -10.42 -15.41
C TYR D 63 -3.88 -10.76 -16.88
N ILE D 64 -2.79 -11.38 -17.40
CA ILE D 64 -2.66 -11.81 -18.79
C ILE D 64 -1.95 -13.15 -18.84
N LEU D 65 -2.40 -13.99 -19.77
CA LEU D 65 -1.67 -15.21 -20.07
C LEU D 65 -1.22 -15.12 -21.52
N ALA D 66 0.10 -15.11 -21.70
CA ALA D 66 0.76 -15.13 -23.00
C ALA D 66 1.26 -16.56 -23.21
N HIS D 67 1.12 -17.08 -24.44
CA HIS D 67 1.56 -18.45 -24.74
C HIS D 67 2.05 -18.62 -26.18
N THR D 68 2.83 -19.68 -26.38
CA THR D 68 3.40 -20.02 -27.67
C THR D 68 3.71 -21.50 -27.73
N GLU D 69 3.56 -22.08 -28.94
CA GLU D 69 3.91 -23.47 -29.21
C GLU D 69 5.41 -23.56 -29.15
N PHE D 70 5.93 -24.63 -28.57
CA PHE D 70 7.37 -24.82 -28.49
C PHE D 70 7.63 -26.32 -28.35
N THR D 71 8.79 -26.75 -28.81
CA THR D 71 9.21 -28.13 -28.63
C THR D 71 10.49 -28.02 -27.83
N PRO D 72 10.46 -28.36 -26.52
CA PRO D 72 11.68 -28.24 -25.73
C PRO D 72 12.77 -29.17 -26.26
N THR D 73 14.03 -28.70 -26.11
CA THR D 73 15.25 -29.41 -26.50
C THR D 73 16.24 -29.23 -25.35
N GLU D 74 17.36 -29.95 -25.38
CA GLU D 74 18.40 -29.86 -24.36
C GLU D 74 19.04 -28.46 -24.30
N THR D 75 19.20 -27.83 -25.48
CA THR D 75 19.93 -26.58 -25.60
C THR D 75 19.12 -25.29 -25.66
N ASP D 76 17.90 -25.31 -26.25
CA ASP D 76 17.11 -24.07 -26.36
C ASP D 76 16.69 -23.50 -25.02
N THR D 77 16.82 -22.17 -24.87
CA THR D 77 16.40 -21.46 -23.66
C THR D 77 15.20 -20.58 -23.99
N TYR D 78 14.34 -20.38 -22.99
CA TYR D 78 13.14 -19.59 -23.17
C TYR D 78 13.00 -18.59 -22.01
N ALA D 79 12.48 -17.39 -22.31
CA ALA D 79 12.26 -16.39 -21.26
C ALA D 79 11.08 -15.53 -21.62
N CYS D 80 10.61 -14.79 -20.62
CA CYS D 80 9.54 -13.86 -20.80
C CYS D 80 10.00 -12.51 -20.21
N ARG D 81 9.86 -11.45 -21.02
CA ARG D 81 10.30 -10.11 -20.67
C ARG D 81 9.07 -9.22 -20.60
N VAL D 82 8.93 -8.52 -19.47
CA VAL D 82 7.76 -7.69 -19.20
C VAL D 82 8.20 -6.26 -18.92
N LYS D 83 7.56 -5.31 -19.61
CA LYS D 83 7.80 -3.89 -19.41
C LYS D 83 6.47 -3.29 -18.97
N HIS D 84 6.49 -2.64 -17.81
CA HIS D 84 5.29 -2.04 -17.21
C HIS D 84 5.69 -0.74 -16.47
N ASP D 85 4.80 0.29 -16.47
CA ASP D 85 5.10 1.59 -15.83
C ASP D 85 5.46 1.52 -14.33
N SER D 86 5.04 0.45 -13.64
CA SER D 86 5.40 0.22 -12.22
C SER D 86 6.88 -0.14 -12.02
N MET D 87 7.60 -0.53 -13.09
CA MET D 87 8.99 -0.98 -12.97
C MET D 87 9.96 -0.10 -13.70
N ALA D 88 11.07 0.23 -13.03
CA ALA D 88 12.11 1.06 -13.61
C ALA D 88 12.75 0.41 -14.82
N GLU D 89 12.89 -0.92 -14.80
CA GLU D 89 13.51 -1.67 -15.88
C GLU D 89 12.58 -2.83 -16.30
N PRO D 90 12.70 -3.35 -17.55
CA PRO D 90 11.93 -4.56 -17.91
C PRO D 90 12.36 -5.73 -17.05
N LYS D 91 11.41 -6.60 -16.67
CA LYS D 91 11.68 -7.76 -15.85
C LYS D 91 11.68 -9.02 -16.74
N THR D 92 12.77 -9.81 -16.67
CA THR D 92 12.93 -11.04 -17.43
C THR D 92 12.91 -12.25 -16.50
N VAL D 93 12.04 -13.21 -16.79
CA VAL D 93 11.96 -14.47 -16.07
C VAL D 93 12.29 -15.58 -17.06
N TYR D 94 13.21 -16.47 -16.68
CA TYR D 94 13.65 -17.55 -17.56
C TYR D 94 12.91 -18.85 -17.24
N TRP D 95 12.52 -19.62 -18.30
CA TRP D 95 11.86 -20.90 -18.14
C TRP D 95 12.85 -21.88 -17.51
N ASP D 96 12.41 -22.61 -16.51
CA ASP D 96 13.20 -23.67 -15.88
C ASP D 96 12.26 -24.87 -15.84
N ARG D 97 12.58 -25.93 -16.61
CA ARG D 97 11.78 -27.15 -16.69
C ARG D 97 11.43 -27.81 -15.34
N ASP D 98 12.21 -27.54 -14.29
CA ASP D 98 11.99 -28.10 -12.97
C ASP D 98 10.94 -27.31 -12.17
N MET D 99 10.43 -26.19 -12.73
CA MET D 99 9.47 -25.31 -12.05
C MET D 99 8.26 -24.88 -12.89
N ALA E 1 25.11 22.29 7.65
CA ALA E 1 24.96 23.12 6.44
C ALA E 1 24.30 22.24 5.34
N SER E 2 23.31 22.81 4.66
CA SER E 2 22.52 22.14 3.65
C SER E 2 23.26 21.97 2.31
N ASN E 3 22.68 21.19 1.43
CA ASN E 3 23.29 20.93 0.14
C ASN E 3 22.47 21.50 -0.96
N GLU E 4 23.11 21.85 -2.08
CA GLU E 4 22.37 22.31 -3.22
C GLU E 4 22.30 21.15 -4.18
N ASP E 5 21.10 20.84 -4.71
CA ASP E 5 20.99 19.72 -5.63
C ASP E 5 21.65 20.02 -6.98
N MET E 6 22.08 18.96 -7.67
CA MET E 6 22.73 19.02 -8.97
C MET E 6 21.67 19.18 -10.03
N GLU E 7 21.70 18.36 -11.08
N GLU E 7 21.68 18.33 -11.07
CA GLU E 7 20.71 18.42 -12.14
CA GLU E 7 20.69 18.39 -12.15
C GLU E 7 19.31 18.16 -11.60
C GLU E 7 19.30 18.16 -11.58
N THR E 8 18.33 18.84 -12.18
CA THR E 8 16.91 18.70 -11.86
C THR E 8 16.46 17.27 -12.29
N MET E 9 15.30 16.82 -11.80
CA MET E 9 14.78 15.48 -12.06
C MET E 9 14.35 15.25 -13.52
N ALA F 1 -27.66 -11.40 -17.70
CA ALA F 1 -27.91 -10.16 -18.42
C ALA F 1 -27.40 -8.98 -17.58
N SER F 2 -26.71 -8.05 -18.21
CA SER F 2 -26.09 -6.91 -17.54
C SER F 2 -27.07 -5.78 -17.17
N ASN F 3 -26.61 -4.92 -16.24
CA ASN F 3 -27.35 -3.74 -15.74
C ASN F 3 -27.02 -2.56 -16.62
N GLU F 4 -27.89 -1.54 -16.63
CA GLU F 4 -27.71 -0.34 -17.45
C GLU F 4 -28.52 0.84 -16.92
N ASP F 5 -28.27 2.03 -17.49
CA ASP F 5 -28.99 3.29 -17.19
C ASP F 5 -28.98 3.67 -15.71
N MET F 6 -27.89 3.35 -15.00
CA MET F 6 -27.80 3.76 -13.61
C MET F 6 -27.26 5.18 -13.56
N GLU F 7 -27.40 5.85 -12.40
CA GLU F 7 -26.89 7.23 -12.22
C GLU F 7 -25.37 7.27 -12.48
N THR F 8 -24.87 8.31 -13.17
CA THR F 8 -23.42 8.47 -13.38
C THR F 8 -22.73 8.98 -12.07
N MET F 9 -21.42 8.80 -11.97
CA MET F 9 -20.64 9.20 -10.80
C MET F 9 -20.47 10.74 -10.64
S SO4 G . -2.69 11.92 -10.91
O1 SO4 G . -1.36 11.42 -10.52
O2 SO4 G . -2.90 11.60 -12.30
O3 SO4 G . -3.74 11.25 -10.13
O4 SO4 G . -2.75 13.34 -10.69
S SO4 H . 16.72 4.07 6.55
O1 SO4 H . 17.25 5.09 7.47
O2 SO4 H . 15.79 3.23 7.36
O3 SO4 H . 15.94 4.64 5.42
O4 SO4 H . 17.82 3.28 5.98
S SO4 I . -15.80 -9.93 -1.42
O1 SO4 I . -14.57 -10.52 -0.88
O2 SO4 I . -16.34 -10.85 -2.42
O3 SO4 I . -16.81 -9.69 -0.37
O4 SO4 I . -15.43 -8.63 -2.05
S SO4 J . -24.12 12.87 4.57
O1 SO4 J . -22.81 12.34 4.98
O2 SO4 J . -25.17 12.10 5.24
O3 SO4 J . -24.21 14.28 4.95
O4 SO4 J . -24.29 12.76 3.13
S SO4 K . 16.48 -5.55 -21.01
O1 SO4 K . 17.25 -5.34 -19.78
O2 SO4 K . 15.33 -6.40 -20.74
O3 SO4 K . 16.04 -4.24 -21.50
O4 SO4 K . 17.33 -6.20 -22.02
#